data_2NQA
#
_entry.id   2NQA
#
_cell.length_a   91.794
_cell.length_b   91.794
_cell.length_c   194.592
_cell.angle_alpha   90.00
_cell.angle_beta   90.00
_cell.angle_gamma   120.00
#
_symmetry.space_group_name_H-M   'P 61'
#
loop_
_entity.id
_entity.type
_entity.pdbx_description
1 polymer Calpain-8
2 polymer 'Leupeptin Inhibitor'
3 non-polymer 'CALCIUM ION'
4 water water
#
loop_
_entity_poly.entity_id
_entity_poly.type
_entity_poly.pdbx_seq_one_letter_code
_entity_poly.pdbx_strand_id
1 'polypeptide(L)'
;GSNALKYLGQDFKTLRQQCLDSGVLFKDPEFPA(CSO)PSALGYKDLGPGSPQTQGIIWKRPTEL(CSO)PSPQFIVGGA
TRTDI(CSO)QGGLGDCWLLAAIASLTLNEELLYRVVPRDQDFQENYAGIFHFQFWQYGEWVEVVIDDRLPTKNGQLLFL
HSEQGNEFWSALLEKAYAKLNG(CSO)YEALAGGSTVEGFEDFTGGISEFYDLKKPPANLYQIIRKAL(CSO)AGSLLGC
SIDVYSAAEAEAITSQKLVKSHAYSVTGVEEVNFQGHPEKLIRLRNPWGEVEWSGAWSDDAPEWNHIDPRRKEELDKKVE
DGEFWMSLSDFVRQFSRLEICNLSPD
;
A,B
2 'polypeptide(L)' (ACE)LL(AR7) D,E
#
loop_
_chem_comp.id
_chem_comp.type
_chem_comp.name
_chem_comp.formula
ACE non-polymer 'ACETYL GROUP' 'C2 H4 O'
AR7 peptide-like amino{[(4S)-4-amino-5,5-dihydroxypentyl]amino}methaniminium 'C6 H17 N4 O2 1'
CA non-polymer 'CALCIUM ION' 'Ca 2'
#
# COMPACT_ATOMS: atom_id res chain seq x y z
N ASN A 3 13.22 18.49 -9.37
CA ASN A 3 14.44 17.97 -8.67
C ASN A 3 14.04 17.01 -7.53
N ALA A 4 14.48 15.75 -7.64
CA ALA A 4 13.93 14.64 -6.84
C ALA A 4 14.38 14.68 -5.38
N LEU A 5 13.47 14.37 -4.45
CA LEU A 5 13.80 14.27 -3.01
C LEU A 5 14.70 13.08 -2.72
N LYS A 6 15.79 13.33 -2.00
CA LYS A 6 16.75 12.29 -1.61
C LYS A 6 16.24 11.55 -0.38
N TYR A 7 15.89 10.29 -0.55
CA TYR A 7 15.27 9.51 0.55
C TYR A 7 16.27 9.27 1.69
N LEU A 8 15.90 9.71 2.89
CA LEU A 8 16.79 9.69 4.06
C LEU A 8 18.05 10.58 3.87
N GLY A 9 17.98 11.56 2.98
CA GLY A 9 19.10 12.44 2.67
C GLY A 9 20.34 11.78 2.09
N GLN A 10 20.24 10.56 1.59
CA GLN A 10 21.38 9.89 0.94
C GLN A 10 21.56 10.43 -0.50
N ASP A 11 22.78 10.85 -0.84
CA ASP A 11 23.09 11.34 -2.17
C ASP A 11 23.97 10.30 -2.87
N PHE A 12 23.48 9.75 -3.99
CA PHE A 12 24.17 8.69 -4.73
C PHE A 12 25.61 9.08 -5.05
N LYS A 13 25.75 10.26 -5.67
CA LYS A 13 27.01 10.72 -6.23
C LYS A 13 28.06 10.94 -5.12
N THR A 14 27.68 11.62 -4.03
CA THR A 14 28.65 11.86 -2.96
C THR A 14 29.00 10.57 -2.21
N LEU A 15 28.02 9.69 -1.99
CA LEU A 15 28.28 8.36 -1.39
C LEU A 15 29.12 7.41 -2.27
N ARG A 16 28.92 7.44 -3.59
CA ARG A 16 29.71 6.62 -4.51
C ARG A 16 31.19 7.09 -4.49
N GLN A 17 31.38 8.41 -4.62
CA GLN A 17 32.70 9.03 -4.53
C GLN A 17 33.43 8.63 -3.25
N GLN A 18 32.75 8.72 -2.10
CA GLN A 18 33.34 8.38 -0.79
C GLN A 18 33.88 6.94 -0.76
N CYS A 19 33.06 6.03 -1.28
CA CYS A 19 33.43 4.62 -1.43
C CYS A 19 34.61 4.41 -2.38
N LEU A 20 34.54 4.98 -3.58
CA LEU A 20 35.63 4.91 -4.55
C LEU A 20 36.94 5.42 -3.97
N ASP A 21 36.91 6.59 -3.32
CA ASP A 21 38.08 7.19 -2.69
C ASP A 21 38.62 6.33 -1.52
N SER A 22 37.72 5.71 -0.77
CA SER A 22 38.12 4.79 0.31
C SER A 22 38.55 3.40 -0.17
N GLY A 23 38.28 3.07 -1.43
CA GLY A 23 38.53 1.72 -1.94
C GLY A 23 37.64 0.66 -1.31
N VAL A 24 36.42 1.05 -0.92
CA VAL A 24 35.43 0.11 -0.39
C VAL A 24 34.19 -0.01 -1.29
N LEU A 25 33.43 -1.08 -1.05
CA LEU A 25 32.06 -1.19 -1.59
C LEU A 25 31.01 -0.76 -0.54
N PHE A 26 30.04 0.02 -1.01
CA PHE A 26 28.90 0.54 -0.24
C PHE A 26 28.15 -0.54 0.51
N LYS A 27 27.99 -0.28 1.79
CA LYS A 27 27.13 -1.05 2.67
C LYS A 27 26.19 -0.01 3.27
N ASP A 28 24.96 -0.07 2.78
CA ASP A 28 23.91 0.86 3.11
C ASP A 28 23.50 0.76 4.59
N PRO A 29 23.83 1.79 5.41
CA PRO A 29 23.44 1.76 6.83
C PRO A 29 21.93 1.84 7.10
N GLU A 30 21.16 2.28 6.08
CA GLU A 30 19.72 2.48 6.20
C GLU A 30 18.92 1.28 5.71
N PHE A 31 19.59 0.36 5.05
CA PHE A 31 18.99 -0.93 4.67
C PHE A 31 19.99 -2.08 4.76
N PRO A 32 20.36 -2.52 5.99
CA PRO A 32 21.32 -3.62 6.13
C PRO A 32 20.92 -4.98 5.49
N ALA A 33 21.92 -5.73 5.05
CA ALA A 33 21.75 -7.07 4.49
C ALA A 33 21.42 -8.10 5.59
N CSO A 34 20.32 -7.84 6.29
CA CSO A 34 19.90 -8.54 7.48
CB CSO A 34 19.91 -7.56 8.65
SG CSO A 34 21.62 -7.11 9.04
C CSO A 34 18.49 -9.10 7.26
O CSO A 34 17.86 -8.77 6.26
OD CSO A 34 22.67 -8.61 9.20
N PRO A 35 18.03 -10.01 8.15
CA PRO A 35 16.63 -10.50 8.17
C PRO A 35 15.53 -9.43 8.22
N SER A 36 15.83 -8.23 8.71
CA SER A 36 14.88 -7.13 8.69
C SER A 36 14.58 -6.58 7.27
N ALA A 37 15.56 -6.73 6.35
CA ALA A 37 15.41 -6.35 4.95
C ALA A 37 14.58 -7.38 4.18
N LEU A 38 14.74 -8.65 4.54
CA LEU A 38 13.92 -9.74 3.99
C LEU A 38 12.47 -9.57 4.44
N GLY A 39 12.32 -9.21 5.71
CA GLY A 39 11.02 -9.11 6.34
C GLY A 39 10.65 -10.41 7.00
N TYR A 40 11.64 -11.29 7.18
CA TYR A 40 11.43 -12.62 7.80
C TYR A 40 12.76 -13.29 8.19
N THR A 50 13.45 -20.66 3.83
CA THR A 50 14.18 -19.48 4.30
C THR A 50 15.51 -19.78 5.02
N GLN A 51 16.05 -20.97 4.84
CA GLN A 51 17.33 -21.30 5.46
C GLN A 51 18.43 -21.11 4.42
N GLY A 52 19.57 -20.64 4.87
CA GLY A 52 20.74 -20.45 4.01
C GLY A 52 20.65 -19.29 3.02
N ILE A 53 19.84 -18.29 3.34
CA ILE A 53 19.87 -17.03 2.61
C ILE A 53 21.17 -16.29 2.97
N ILE A 54 22.00 -16.08 1.93
CA ILE A 54 23.27 -15.38 2.03
C ILE A 54 23.18 -14.18 1.07
N TRP A 55 23.54 -12.98 1.52
CA TRP A 55 23.53 -11.81 0.61
C TRP A 55 24.82 -11.73 -0.26
N LYS A 56 24.62 -11.66 -1.56
CA LYS A 56 25.72 -11.64 -2.53
C LYS A 56 25.55 -10.48 -3.52
N ARG A 57 26.63 -9.74 -3.76
CA ARG A 57 26.72 -8.76 -4.84
C ARG A 57 26.83 -9.49 -6.18
N PRO A 58 26.22 -8.92 -7.26
CA PRO A 58 26.40 -9.45 -8.61
C PRO A 58 27.85 -9.74 -9.02
N THR A 59 28.76 -8.85 -8.61
CA THR A 59 30.21 -9.03 -8.81
C THR A 59 30.84 -10.21 -8.04
N GLU A 60 30.10 -10.81 -7.11
CA GLU A 60 30.50 -12.05 -6.43
C GLU A 60 29.87 -13.29 -7.10
N LEU A 61 28.66 -13.16 -7.65
CA LEU A 61 27.98 -14.27 -8.35
C LEU A 61 28.45 -14.51 -9.79
N CSO A 62 29.07 -13.49 -10.39
CA CSO A 62 29.42 -13.41 -11.82
CB CSO A 62 28.35 -12.62 -12.58
SG CSO A 62 26.86 -13.61 -12.83
C CSO A 62 30.77 -12.71 -12.00
O CSO A 62 31.10 -11.82 -11.24
OD CSO A 62 27.39 -15.25 -13.44
N PRO A 63 31.58 -13.16 -13.00
CA PRO A 63 32.81 -12.44 -13.32
C PRO A 63 32.63 -11.10 -14.03
N SER A 64 31.61 -10.96 -14.88
CA SER A 64 31.39 -9.71 -15.64
C SER A 64 29.89 -9.35 -15.65
N PRO A 65 29.36 -8.99 -14.46
CA PRO A 65 27.93 -8.68 -14.40
C PRO A 65 27.58 -7.42 -15.21
N GLN A 66 26.42 -7.45 -15.85
CA GLN A 66 25.92 -6.31 -16.63
C GLN A 66 24.73 -5.73 -15.87
N PHE A 67 24.54 -4.42 -15.99
CA PHE A 67 23.34 -3.77 -15.46
C PHE A 67 22.19 -3.99 -16.45
N ILE A 68 22.38 -3.61 -17.71
CA ILE A 68 21.42 -3.82 -18.81
C ILE A 68 22.09 -4.59 -19.97
N VAL A 69 21.43 -5.65 -20.46
CA VAL A 69 21.85 -6.43 -21.65
C VAL A 69 20.69 -6.45 -22.64
N GLY A 70 20.90 -5.95 -23.85
CA GLY A 70 19.86 -6.01 -24.88
C GLY A 70 18.63 -5.18 -24.53
N GLY A 71 18.87 -4.10 -23.79
CA GLY A 71 17.77 -3.23 -23.35
C GLY A 71 17.06 -3.69 -22.09
N ALA A 72 16.45 -2.74 -21.38
CA ALA A 72 15.66 -3.02 -20.17
C ALA A 72 14.22 -3.31 -20.60
N THR A 73 13.89 -4.59 -20.70
CA THR A 73 12.61 -5.09 -21.26
C THR A 73 11.86 -6.01 -20.27
N ARG A 74 10.63 -6.36 -20.63
CA ARG A 74 9.78 -7.22 -19.82
C ARG A 74 10.28 -8.68 -19.70
N THR A 75 10.98 -9.16 -20.74
CA THR A 75 11.79 -10.41 -20.72
C THR A 75 12.62 -10.54 -19.43
N ASP A 76 13.12 -9.40 -18.95
CA ASP A 76 13.96 -9.35 -17.74
C ASP A 76 13.18 -9.43 -16.42
N ILE A 77 11.86 -9.56 -16.48
CA ILE A 77 11.02 -9.59 -15.27
C ILE A 77 10.51 -11.03 -14.97
N CSO A 78 11.29 -11.77 -14.19
CA CSO A 78 10.88 -13.07 -13.63
CB CSO A 78 11.75 -14.22 -14.11
SG CSO A 78 11.88 -14.22 -15.89
C CSO A 78 10.81 -13.09 -12.11
O CSO A 78 11.82 -12.99 -11.42
OD CSO A 78 12.99 -15.56 -16.51
N GLN A 79 9.58 -13.26 -11.62
CA GLN A 79 9.28 -13.33 -10.18
C GLN A 79 10.02 -14.50 -9.56
N GLY A 80 10.54 -14.27 -8.36
CA GLY A 80 11.19 -15.30 -7.57
C GLY A 80 10.29 -15.68 -6.41
N GLY A 81 10.90 -16.01 -5.27
CA GLY A 81 10.18 -16.57 -4.12
C GLY A 81 9.55 -15.53 -3.23
N LEU A 82 8.73 -14.68 -3.84
CA LEU A 82 8.13 -13.50 -3.22
C LEU A 82 6.86 -13.25 -3.98
N GLY A 83 5.79 -12.97 -3.24
CA GLY A 83 4.47 -12.71 -3.81
C GLY A 83 4.20 -11.29 -4.28
N ASP A 84 5.26 -10.60 -4.69
CA ASP A 84 5.15 -9.30 -5.35
C ASP A 84 4.81 -9.34 -6.88
N CYS A 85 3.71 -10.00 -7.24
CA CYS A 85 3.23 -10.03 -8.63
C CYS A 85 2.73 -8.68 -9.18
N TRP A 86 2.00 -7.93 -8.36
CA TRP A 86 1.51 -6.63 -8.78
C TRP A 86 2.66 -5.65 -9.15
N LEU A 87 3.65 -5.54 -8.27
CA LEU A 87 4.84 -4.71 -8.54
C LEU A 87 5.53 -5.11 -9.83
N LEU A 88 5.71 -6.40 -10.03
CA LEU A 88 6.47 -6.94 -11.13
C LEU A 88 5.69 -6.85 -12.46
N ALA A 89 4.38 -7.09 -12.41
CA ALA A 89 3.54 -6.90 -13.60
C ALA A 89 3.56 -5.38 -14.01
N ALA A 90 3.56 -4.51 -13.00
CA ALA A 90 3.74 -3.05 -13.12
C ALA A 90 5.05 -2.62 -13.77
N ILE A 91 6.17 -3.14 -13.28
CA ILE A 91 7.48 -2.94 -13.93
C ILE A 91 7.51 -3.44 -15.40
N ALA A 92 7.00 -4.63 -15.67
CA ALA A 92 6.88 -5.12 -17.05
C ALA A 92 6.07 -4.15 -17.94
N SER A 93 4.92 -3.75 -17.44
CA SER A 93 4.13 -2.73 -18.12
C SER A 93 4.95 -1.45 -18.37
N LEU A 94 5.70 -1.00 -17.36
CA LEU A 94 6.57 0.20 -17.44
C LEU A 94 7.66 0.13 -18.53
N THR A 95 8.21 -1.06 -18.77
CA THR A 95 9.20 -1.29 -19.84
C THR A 95 8.73 -0.91 -21.25
N LEU A 96 7.41 -0.92 -21.48
CA LEU A 96 6.83 -0.50 -22.77
C LEU A 96 6.75 1.01 -22.97
N ASN A 97 6.80 1.75 -21.86
CA ASN A 97 6.96 3.21 -21.84
C ASN A 97 8.42 3.53 -21.53
N GLU A 98 9.21 3.52 -22.59
CA GLU A 98 10.66 3.61 -22.47
C GLU A 98 11.17 4.89 -21.78
N GLU A 99 10.62 6.05 -22.14
CA GLU A 99 11.06 7.30 -21.51
C GLU A 99 10.83 7.37 -19.98
N LEU A 100 9.71 6.83 -19.51
CA LEU A 100 9.40 6.83 -18.08
C LEU A 100 10.13 5.67 -17.35
N LEU A 101 10.40 4.60 -18.07
CA LEU A 101 11.19 3.50 -17.53
C LEU A 101 12.56 4.03 -17.17
N TYR A 102 13.10 4.84 -18.06
CA TYR A 102 14.44 5.33 -17.86
C TYR A 102 14.52 6.61 -17.00
N ARG A 103 13.36 7.09 -16.51
CA ARG A 103 13.35 8.02 -15.34
C ARG A 103 13.51 7.17 -14.08
N VAL A 104 12.72 6.10 -14.00
CA VAL A 104 12.72 5.22 -12.83
C VAL A 104 14.05 4.47 -12.70
N VAL A 105 14.55 3.99 -13.83
CA VAL A 105 15.81 3.26 -13.93
C VAL A 105 16.87 4.13 -14.65
N PRO A 106 17.69 4.88 -13.88
CA PRO A 106 18.81 5.59 -14.51
C PRO A 106 19.74 4.66 -15.30
N ARG A 107 20.08 5.06 -16.52
CA ARG A 107 20.74 4.18 -17.47
C ARG A 107 22.27 4.16 -17.31
N ASP A 108 22.86 5.28 -16.88
CA ASP A 108 24.31 5.42 -16.67
C ASP A 108 24.68 4.78 -15.32
N GLN A 109 24.45 3.47 -15.23
CA GLN A 109 24.77 2.66 -14.06
C GLN A 109 25.31 1.33 -14.56
N ASP A 110 26.45 0.90 -14.03
CA ASP A 110 27.05 -0.33 -14.51
C ASP A 110 28.01 -0.91 -13.46
N PHE A 111 28.62 -2.04 -13.78
CA PHE A 111 29.51 -2.74 -12.84
C PHE A 111 31.02 -2.58 -13.16
N GLN A 112 31.34 -1.64 -14.05
CA GLN A 112 32.74 -1.37 -14.40
C GLN A 112 33.15 0.07 -14.10
N GLU A 113 32.54 1.03 -14.78
CA GLU A 113 32.87 2.44 -14.53
C GLU A 113 32.26 2.94 -13.24
N ASN A 114 33.14 3.49 -12.39
CA ASN A 114 32.78 4.07 -11.10
C ASN A 114 32.09 3.07 -10.19
N TYR A 115 32.48 1.81 -10.26
CA TYR A 115 31.77 0.77 -9.50
C TYR A 115 32.20 0.78 -8.04
N ALA A 116 31.24 1.12 -7.17
CA ALA A 116 31.45 1.18 -5.73
C ALA A 116 30.35 0.41 -4.97
N GLY A 117 29.70 -0.53 -5.64
CA GLY A 117 28.60 -1.32 -5.11
C GLY A 117 27.36 -0.56 -4.70
N ILE A 118 27.09 0.53 -5.40
CA ILE A 118 25.97 1.43 -5.10
C ILE A 118 25.17 1.71 -6.37
N PHE A 119 23.85 1.72 -6.22
CA PHE A 119 22.88 2.06 -7.26
C PHE A 119 21.78 3.03 -6.74
N HIS A 120 21.13 3.73 -7.68
CA HIS A 120 20.02 4.62 -7.37
C HIS A 120 18.88 4.41 -8.36
N PHE A 121 17.66 4.60 -7.87
CA PHE A 121 16.45 4.55 -8.68
C PHE A 121 15.54 5.71 -8.30
N GLN A 122 14.62 6.09 -9.19
CA GLN A 122 13.64 7.12 -8.86
C GLN A 122 12.22 6.55 -8.80
N PHE A 123 11.54 6.79 -7.69
CA PHE A 123 10.13 6.37 -7.51
C PHE A 123 9.21 7.57 -7.28
N TRP A 124 7.92 7.28 -7.25
CA TRP A 124 6.88 8.27 -7.02
C TRP A 124 6.23 8.13 -5.63
N GLN A 125 6.39 9.16 -4.80
CA GLN A 125 5.83 9.14 -3.46
C GLN A 125 5.46 10.56 -3.08
N TYR A 126 4.27 10.74 -2.53
CA TYR A 126 3.83 12.06 -2.02
C TYR A 126 3.85 13.15 -3.09
N GLY A 127 3.28 12.84 -4.25
CA GLY A 127 3.13 13.79 -5.35
C GLY A 127 4.41 14.32 -5.97
N GLU A 128 5.44 13.49 -5.99
CA GLU A 128 6.78 13.92 -6.47
C GLU A 128 7.72 12.72 -6.64
N TRP A 129 8.84 12.96 -7.32
CA TRP A 129 9.86 11.93 -7.49
C TRP A 129 10.75 11.82 -6.25
N VAL A 130 11.05 10.59 -5.87
CA VAL A 130 11.92 10.25 -4.73
C VAL A 130 13.08 9.43 -5.26
N GLU A 131 14.31 9.84 -4.95
CA GLU A 131 15.46 9.03 -5.32
C GLU A 131 15.90 8.14 -4.16
N VAL A 132 16.03 6.84 -4.46
CA VAL A 132 16.41 5.87 -3.46
C VAL A 132 17.76 5.26 -3.83
N VAL A 133 18.65 5.25 -2.85
CA VAL A 133 19.99 4.68 -2.96
C VAL A 133 19.95 3.28 -2.32
N ILE A 134 20.64 2.34 -2.96
CA ILE A 134 20.83 0.98 -2.45
C ILE A 134 22.28 0.50 -2.68
N ASP A 135 22.69 -0.49 -1.89
CA ASP A 135 23.88 -1.29 -2.21
C ASP A 135 23.43 -2.53 -2.99
N ASP A 136 24.36 -3.16 -3.73
CA ASP A 136 24.00 -4.27 -4.64
C ASP A 136 24.08 -5.68 -4.05
N ARG A 137 24.13 -5.78 -2.74
CA ARG A 137 23.96 -7.09 -2.09
C ARG A 137 22.51 -7.54 -2.27
N LEU A 138 22.35 -8.75 -2.80
CA LEU A 138 21.03 -9.28 -3.13
C LEU A 138 20.89 -10.66 -2.49
N PRO A 139 19.71 -10.94 -1.94
CA PRO A 139 19.51 -12.23 -1.33
C PRO A 139 19.63 -13.38 -2.33
N THR A 140 20.38 -14.40 -1.92
CA THR A 140 20.58 -15.60 -2.70
C THR A 140 20.32 -16.86 -1.86
N LYS A 141 19.96 -17.97 -2.51
CA LYS A 141 20.03 -19.29 -1.90
C LYS A 141 20.61 -20.24 -2.96
N ASN A 142 21.67 -20.95 -2.60
CA ASN A 142 22.31 -21.96 -3.47
C ASN A 142 22.96 -21.38 -4.74
N GLY A 143 23.58 -20.22 -4.56
CA GLY A 143 24.30 -19.54 -5.63
C GLY A 143 23.40 -18.80 -6.58
N GLN A 144 22.11 -18.75 -6.26
CA GLN A 144 21.09 -18.18 -7.14
C GLN A 144 20.24 -17.09 -6.42
N LEU A 145 19.89 -16.04 -7.16
CA LEU A 145 18.95 -15.03 -6.69
C LEU A 145 17.61 -15.66 -6.26
N LEU A 146 17.22 -15.33 -5.04
CA LEU A 146 15.95 -15.72 -4.46
C LEU A 146 14.74 -15.05 -5.11
N PHE A 147 14.85 -13.75 -5.38
CA PHE A 147 13.69 -12.95 -5.77
C PHE A 147 13.72 -12.62 -7.28
N LEU A 148 13.52 -11.35 -7.66
CA LEU A 148 13.42 -10.97 -9.06
C LEU A 148 14.75 -11.18 -9.78
N HIS A 149 14.68 -11.77 -10.98
CA HIS A 149 15.83 -12.04 -11.81
C HIS A 149 15.45 -11.91 -13.29
N SER A 150 16.46 -11.77 -14.15
CA SER A 150 16.26 -11.72 -15.57
C SER A 150 16.36 -13.13 -16.19
N GLU A 151 15.73 -13.28 -17.36
CA GLU A 151 15.89 -14.45 -18.22
C GLU A 151 17.39 -14.60 -18.52
N GLN A 152 18.05 -13.45 -18.72
CA GLN A 152 19.50 -13.40 -18.91
C GLN A 152 20.25 -13.28 -17.57
N GLY A 153 20.82 -14.39 -17.11
CA GLY A 153 21.51 -14.47 -15.82
C GLY A 153 22.68 -13.52 -15.53
N ASN A 154 23.34 -13.02 -16.57
CA ASN A 154 24.31 -11.93 -16.36
C ASN A 154 23.68 -10.52 -16.18
N GLU A 155 22.35 -10.39 -16.04
CA GLU A 155 21.72 -9.07 -16.01
C GLU A 155 21.00 -8.79 -14.68
N PHE A 156 21.25 -7.60 -14.13
CA PHE A 156 20.85 -7.29 -12.73
C PHE A 156 20.05 -5.98 -12.51
N TRP A 157 19.70 -5.24 -13.56
CA TRP A 157 18.93 -4.02 -13.33
C TRP A 157 17.59 -4.27 -12.59
N SER A 158 16.88 -5.32 -12.96
CA SER A 158 15.59 -5.62 -12.33
C SER A 158 15.69 -6.23 -10.90
N ALA A 159 16.76 -6.96 -10.61
CA ALA A 159 17.02 -7.46 -9.27
C ALA A 159 17.21 -6.29 -8.32
N LEU A 160 18.02 -5.32 -8.78
CA LEU A 160 18.35 -4.12 -8.02
C LEU A 160 17.16 -3.16 -7.86
N LEU A 161 16.37 -2.95 -8.93
CA LEU A 161 15.13 -2.14 -8.89
C LEU A 161 14.14 -2.63 -7.82
N GLU A 162 13.96 -3.95 -7.76
CA GLU A 162 13.12 -4.59 -6.77
C GLU A 162 13.61 -4.40 -5.31
N LYS A 163 14.93 -4.54 -5.08
CA LYS A 163 15.53 -4.21 -3.78
C LYS A 163 15.28 -2.75 -3.37
N ALA A 164 15.40 -1.86 -4.35
CA ALA A 164 15.08 -0.45 -4.20
C ALA A 164 13.64 -0.20 -3.72
N TYR A 165 12.64 -0.85 -4.35
CA TYR A 165 11.25 -0.80 -3.88
C TYR A 165 11.15 -1.41 -2.47
N ALA A 166 11.80 -2.56 -2.24
CA ALA A 166 11.78 -3.18 -0.91
C ALA A 166 12.30 -2.22 0.20
N LYS A 167 13.41 -1.53 -0.08
CA LYS A 167 13.93 -0.51 0.79
C LYS A 167 12.84 0.51 1.14
N LEU A 168 12.17 1.06 0.12
CA LEU A 168 11.14 2.09 0.36
C LEU A 168 9.87 1.52 1.04
N ASN A 169 9.67 0.21 0.92
CA ASN A 169 8.57 -0.45 1.63
C ASN A 169 8.89 -1.07 3.00
N GLY A 170 10.13 -0.88 3.46
CA GLY A 170 10.57 -1.39 4.75
C GLY A 170 11.28 -2.74 4.68
N CSO A 171 10.83 -3.61 3.78
CA CSO A 171 11.39 -4.94 3.57
CB CSO A 171 11.15 -5.87 4.78
SG CSO A 171 9.40 -6.07 5.13
C CSO A 171 10.83 -5.60 2.30
O CSO A 171 9.81 -5.13 1.73
OD CSO A 171 8.87 -4.60 6.10
N TYR A 172 11.48 -6.68 1.85
CA TYR A 172 10.96 -7.42 0.68
C TYR A 172 9.52 -7.95 0.92
N GLU A 173 9.23 -8.51 2.10
CA GLU A 173 7.91 -9.12 2.35
C GLU A 173 6.72 -8.13 2.18
N ALA A 174 6.94 -6.86 2.57
CA ALA A 174 5.98 -5.77 2.37
C ALA A 174 5.67 -5.48 0.89
N LEU A 175 6.53 -5.94 -0.01
CA LEU A 175 6.21 -5.90 -1.44
C LEU A 175 5.10 -6.87 -1.86
N ALA A 176 4.91 -7.95 -1.09
CA ALA A 176 3.95 -9.01 -1.42
C ALA A 176 2.50 -8.76 -0.96
N GLY A 177 1.57 -9.19 -1.81
CA GLY A 177 0.19 -9.34 -1.44
C GLY A 177 -0.74 -8.23 -1.87
N GLY A 178 -0.22 -7.03 -2.09
CA GLY A 178 -1.07 -5.88 -2.35
C GLY A 178 -1.16 -5.42 -3.77
N SER A 179 -1.94 -4.37 -3.98
CA SER A 179 -2.31 -3.89 -5.34
C SER A 179 -1.65 -2.56 -5.67
N THR A 180 -0.65 -2.22 -4.86
CA THR A 180 0.32 -1.17 -5.13
C THR A 180 1.45 -1.34 -4.09
N VAL A 181 2.48 -0.50 -4.18
CA VAL A 181 3.58 -0.46 -3.20
C VAL A 181 4.02 1.00 -3.07
N GLU A 182 4.68 1.34 -1.96
CA GLU A 182 5.31 2.66 -1.83
C GLU A 182 6.26 2.86 -3.04
N GLY A 183 6.17 4.04 -3.64
CA GLY A 183 6.91 4.34 -4.87
C GLY A 183 6.14 4.14 -6.18
N PHE A 184 4.93 3.57 -6.08
CA PHE A 184 4.05 3.36 -7.23
C PHE A 184 2.61 3.86 -7.05
N GLU A 185 2.31 4.41 -5.87
CA GLU A 185 0.95 4.90 -5.56
C GLU A 185 0.69 6.22 -6.33
N ASP A 186 -0.39 6.24 -7.12
CA ASP A 186 -0.75 7.38 -7.97
C ASP A 186 0.42 7.84 -8.84
N PHE A 187 1.04 6.86 -9.48
CA PHE A 187 2.30 7.02 -10.21
C PHE A 187 2.27 8.17 -11.23
N THR A 188 3.22 9.09 -11.07
CA THR A 188 3.30 10.39 -11.79
C THR A 188 2.10 11.33 -11.55
N GLY A 189 1.25 11.00 -10.57
CA GLY A 189 0.03 11.75 -10.30
C GLY A 189 -1.05 11.46 -11.33
N GLY A 190 -1.16 10.19 -11.72
CA GLY A 190 -2.17 9.76 -12.66
C GLY A 190 -3.32 9.07 -11.93
N ILE A 191 -4.37 8.80 -12.72
CA ILE A 191 -5.63 8.25 -12.22
C ILE A 191 -5.66 6.73 -12.48
N SER A 192 -5.71 5.96 -11.40
CA SER A 192 -5.99 4.52 -11.44
C SER A 192 -7.44 4.30 -11.84
N GLU A 193 -7.68 3.54 -12.92
CA GLU A 193 -9.02 3.20 -13.34
C GLU A 193 -9.20 1.69 -13.38
N PHE A 194 -10.39 1.23 -12.99
CA PHE A 194 -10.69 -0.19 -12.89
C PHE A 194 -11.96 -0.57 -13.66
N TYR A 195 -11.89 -1.66 -14.40
CA TYR A 195 -13.01 -2.09 -15.20
C TYR A 195 -13.49 -3.46 -14.78
N ASP A 196 -14.77 -3.54 -14.39
CA ASP A 196 -15.43 -4.78 -14.07
C ASP A 196 -15.60 -5.55 -15.38
N LEU A 197 -14.81 -6.61 -15.57
CA LEU A 197 -14.79 -7.35 -16.81
C LEU A 197 -16.08 -8.18 -17.03
N LYS A 198 -16.87 -8.35 -15.98
CA LYS A 198 -18.13 -9.07 -16.09
C LYS A 198 -19.24 -8.17 -16.65
N LYS A 199 -19.09 -6.85 -16.48
CA LYS A 199 -19.95 -5.83 -17.10
C LYS A 199 -19.10 -4.80 -17.88
N PRO A 200 -18.43 -5.22 -18.97
CA PRO A 200 -17.43 -4.31 -19.57
C PRO A 200 -18.01 -3.23 -20.48
N PRO A 201 -17.22 -2.19 -20.79
CA PRO A 201 -17.76 -1.28 -21.79
C PRO A 201 -17.73 -1.94 -23.19
N ALA A 202 -18.63 -1.47 -24.07
CA ALA A 202 -18.71 -1.93 -25.46
C ALA A 202 -17.42 -1.66 -26.21
N ASN A 203 -16.76 -0.56 -25.85
CA ASN A 203 -15.48 -0.16 -26.41
C ASN A 203 -14.25 -0.53 -25.56
N LEU A 204 -14.28 -1.70 -24.94
CA LEU A 204 -13.13 -2.15 -24.16
C LEU A 204 -11.83 -2.21 -24.99
N TYR A 205 -11.91 -2.71 -26.23
CA TYR A 205 -10.74 -2.89 -27.10
C TYR A 205 -9.99 -1.59 -27.40
N GLN A 206 -10.77 -0.57 -27.75
CA GLN A 206 -10.26 0.75 -28.01
C GLN A 206 -9.65 1.41 -26.76
N ILE A 207 -10.31 1.27 -25.60
CA ILE A 207 -9.80 1.82 -24.33
C ILE A 207 -8.43 1.20 -24.00
N ILE A 208 -8.33 -0.11 -24.18
CA ILE A 208 -7.06 -0.79 -23.98
C ILE A 208 -6.04 -0.33 -25.03
N ARG A 209 -6.42 -0.27 -26.31
CA ARG A 209 -5.46 0.12 -27.35
C ARG A 209 -4.95 1.54 -27.11
N LYS A 210 -5.86 2.47 -26.82
CA LYS A 210 -5.49 3.86 -26.48
C LYS A 210 -4.52 3.95 -25.29
N ALA A 211 -4.79 3.19 -24.23
CA ALA A 211 -3.94 3.18 -23.02
C ALA A 211 -2.53 2.69 -23.30
N LEU A 212 -2.42 1.54 -23.99
CA LEU A 212 -1.13 1.00 -24.43
C LEU A 212 -0.30 1.99 -25.29
N CSO A 213 -0.97 2.67 -26.24
CA CSO A 213 -0.37 3.73 -27.10
CB CSO A 213 -1.42 4.17 -28.16
SG CSO A 213 -1.61 2.96 -29.52
C CSO A 213 0.10 4.97 -26.31
O CSO A 213 1.14 5.55 -26.60
OD CSO A 213 0.07 2.60 -30.17
N ALA A 214 -0.69 5.35 -25.29
CA ALA A 214 -0.38 6.45 -24.38
C ALA A 214 0.74 6.17 -23.36
N GLY A 215 1.36 4.99 -23.42
CA GLY A 215 2.35 4.55 -22.40
C GLY A 215 1.79 4.33 -21.00
N SER A 216 0.46 4.15 -20.90
CA SER A 216 -0.21 3.78 -19.62
C SER A 216 0.21 2.37 -19.14
N LEU A 217 -0.05 2.05 -17.87
CA LEU A 217 0.26 0.70 -17.30
C LEU A 217 -1.03 -0.12 -17.10
N LEU A 218 -1.11 -1.28 -17.70
CA LEU A 218 -2.34 -2.09 -17.60
C LEU A 218 -2.00 -3.43 -17.00
N GLY A 219 -2.81 -3.88 -16.05
CA GLY A 219 -2.75 -5.24 -15.55
C GLY A 219 -4.12 -5.76 -15.23
N CYS A 220 -4.19 -7.02 -14.85
CA CYS A 220 -5.45 -7.72 -14.59
C CYS A 220 -5.24 -8.90 -13.64
N SER A 221 -6.32 -9.33 -12.98
CA SER A 221 -6.31 -10.52 -12.12
C SER A 221 -7.66 -11.27 -12.16
N ILE A 222 -7.60 -12.50 -11.63
CA ILE A 222 -8.75 -13.39 -11.42
C ILE A 222 -9.03 -13.47 -9.91
N ASP A 223 -10.19 -12.94 -9.49
CA ASP A 223 -10.61 -12.98 -8.07
C ASP A 223 -10.85 -14.44 -7.57
N VAL A 224 -10.66 -14.67 -6.28
CA VAL A 224 -10.93 -15.98 -5.66
C VAL A 224 -11.99 -15.88 -4.55
N TYR A 225 -12.45 -17.03 -4.06
CA TYR A 225 -13.50 -17.14 -3.00
C TYR A 225 -12.99 -17.98 -1.80
N SER A 226 -11.68 -18.08 -1.70
CA SER A 226 -11.03 -18.87 -0.69
C SER A 226 -9.55 -18.46 -0.72
N ALA A 227 -9.01 -18.16 0.46
CA ALA A 227 -7.60 -17.85 0.60
C ALA A 227 -6.71 -19.01 0.13
N ALA A 228 -7.15 -20.24 0.36
CA ALA A 228 -6.43 -21.45 -0.13
C ALA A 228 -6.40 -21.56 -1.67
N GLU A 229 -7.35 -20.91 -2.36
CA GLU A 229 -7.30 -20.83 -3.84
C GLU A 229 -6.35 -19.76 -4.41
N ALA A 230 -5.82 -18.86 -3.59
CA ALA A 230 -4.84 -17.86 -4.06
C ALA A 230 -3.57 -18.52 -4.64
N GLU A 231 -3.09 -18.00 -5.76
CA GLU A 231 -2.00 -18.59 -6.55
C GLU A 231 -2.30 -19.95 -7.21
N ALA A 232 -3.49 -20.52 -7.01
CA ALA A 232 -3.85 -21.76 -7.69
C ALA A 232 -3.91 -21.58 -9.23
N ILE A 233 -3.64 -22.67 -9.95
CA ILE A 233 -3.57 -22.65 -11.40
C ILE A 233 -4.80 -23.35 -11.99
N THR A 234 -5.44 -22.67 -12.94
CA THR A 234 -6.66 -23.18 -13.59
C THR A 234 -6.37 -24.38 -14.52
N SER A 235 -7.43 -25.01 -15.02
CA SER A 235 -7.28 -26.08 -16.01
C SER A 235 -6.73 -25.57 -17.36
N GLN A 236 -6.82 -24.26 -17.62
CA GLN A 236 -6.22 -23.67 -18.83
C GLN A 236 -4.96 -22.85 -18.58
N LYS A 237 -4.35 -23.08 -17.41
CA LYS A 237 -3.03 -22.60 -17.01
C LYS A 237 -2.96 -21.09 -16.76
N LEU A 238 -4.08 -20.53 -16.31
CA LEU A 238 -4.06 -19.20 -15.70
C LEU A 238 -3.84 -19.36 -14.20
N VAL A 239 -3.14 -18.40 -13.61
CA VAL A 239 -2.92 -18.34 -12.17
C VAL A 239 -3.95 -17.40 -11.54
N LYS A 240 -4.59 -17.82 -10.45
CA LYS A 240 -5.64 -17.01 -9.81
C LYS A 240 -5.05 -16.10 -8.73
N SER A 241 -5.77 -15.00 -8.45
CA SER A 241 -5.34 -13.95 -7.48
C SER A 241 -3.85 -13.56 -7.72
N HIS A 242 -3.53 -13.28 -8.97
CA HIS A 242 -2.17 -13.12 -9.45
C HIS A 242 -2.17 -12.04 -10.53
N ALA A 243 -1.38 -11.00 -10.30
CA ALA A 243 -1.29 -9.87 -11.22
C ALA A 243 -0.57 -10.22 -12.54
N TYR A 244 -1.28 -10.02 -13.64
CA TYR A 244 -0.74 -10.12 -15.01
C TYR A 244 -0.55 -8.72 -15.61
N SER A 245 0.38 -8.64 -16.55
CA SER A 245 0.53 -7.46 -17.39
C SER A 245 -0.33 -7.60 -18.65
N VAL A 246 -1.05 -6.55 -19.02
CA VAL A 246 -1.59 -6.43 -20.37
C VAL A 246 -0.53 -5.75 -21.24
N THR A 247 -0.02 -6.47 -22.23
CA THR A 247 1.11 -5.96 -23.00
C THR A 247 0.78 -5.66 -24.47
N GLY A 248 -0.47 -5.89 -24.87
CA GLY A 248 -0.86 -5.63 -26.24
C GLY A 248 -2.28 -5.97 -26.62
N VAL A 249 -2.68 -5.47 -27.79
CA VAL A 249 -3.92 -5.84 -28.47
C VAL A 249 -3.68 -5.84 -29.99
N GLU A 250 -4.37 -6.76 -30.69
CA GLU A 250 -4.40 -6.83 -32.16
C GLU A 250 -5.75 -7.33 -32.66
N GLU A 251 -6.07 -6.98 -33.90
CA GLU A 251 -7.23 -7.51 -34.59
C GLU A 251 -6.79 -8.36 -35.80
N VAL A 252 -7.22 -9.64 -35.82
CA VAL A 252 -7.07 -10.55 -36.97
C VAL A 252 -8.45 -10.94 -37.57
N ASN A 253 -8.46 -11.42 -38.82
CA ASN A 253 -9.71 -11.90 -39.42
C ASN A 253 -9.77 -13.41 -39.34
N PHE A 254 -10.79 -13.88 -38.65
CA PHE A 254 -10.92 -15.28 -38.26
C PHE A 254 -12.39 -15.65 -38.47
N GLN A 255 -12.63 -16.61 -39.37
CA GLN A 255 -13.96 -17.16 -39.62
C GLN A 255 -14.99 -16.14 -40.19
N GLY A 256 -14.53 -15.32 -41.13
CA GLY A 256 -15.39 -14.33 -41.82
C GLY A 256 -15.68 -13.03 -41.06
N HIS A 257 -15.00 -12.82 -39.92
CA HIS A 257 -15.22 -11.62 -39.12
C HIS A 257 -13.96 -11.11 -38.40
N PRO A 258 -13.95 -9.81 -38.03
CA PRO A 258 -12.89 -9.33 -37.16
C PRO A 258 -12.87 -10.09 -35.82
N GLU A 259 -11.68 -10.24 -35.28
CA GLU A 259 -11.48 -11.03 -34.08
C GLU A 259 -10.47 -10.28 -33.22
N LYS A 260 -10.94 -9.80 -32.06
CA LYS A 260 -10.11 -9.01 -31.13
C LYS A 260 -9.28 -9.90 -30.17
N LEU A 261 -7.97 -9.65 -30.18
CA LEU A 261 -7.00 -10.36 -29.38
C LEU A 261 -6.35 -9.41 -28.36
N ILE A 262 -6.01 -9.95 -27.22
CA ILE A 262 -5.35 -9.21 -26.13
C ILE A 262 -4.11 -10.00 -25.69
N ARG A 263 -2.99 -9.30 -25.49
CA ARG A 263 -1.76 -9.96 -25.08
C ARG A 263 -1.44 -9.71 -23.59
N LEU A 264 -1.10 -10.81 -22.91
CA LEU A 264 -0.96 -10.87 -21.45
C LEU A 264 0.41 -11.41 -21.10
N ARG A 265 1.00 -10.92 -20.01
CA ARG A 265 2.27 -11.48 -19.57
C ARG A 265 2.27 -11.78 -18.07
N ASN A 266 2.39 -13.07 -17.75
CA ASN A 266 2.57 -13.59 -16.38
C ASN A 266 3.97 -13.16 -15.79
N PRO A 267 4.01 -12.35 -14.71
CA PRO A 267 5.29 -11.89 -14.14
C PRO A 267 6.30 -12.99 -13.66
N TRP A 268 5.84 -14.25 -13.63
CA TRP A 268 6.68 -15.43 -13.48
C TRP A 268 7.65 -15.57 -14.68
N GLY A 269 7.24 -15.08 -15.85
CA GLY A 269 8.03 -15.27 -17.09
C GLY A 269 7.90 -16.69 -17.66
N GLU A 270 6.83 -17.38 -17.23
CA GLU A 270 6.56 -18.77 -17.63
C GLU A 270 5.19 -19.22 -17.07
N GLU A 272 1.70 -20.15 -18.74
CA GLU A 272 0.81 -19.62 -19.81
C GLU A 272 -0.53 -20.33 -20.14
N TRP A 273 -1.58 -19.52 -20.32
CA TRP A 273 -2.82 -19.93 -21.03
C TRP A 273 -2.60 -21.00 -22.11
N SER A 274 -3.41 -22.05 -22.07
CA SER A 274 -3.32 -23.14 -23.05
C SER A 274 -4.58 -23.22 -23.93
N GLY A 275 -5.42 -22.18 -23.87
CA GLY A 275 -6.69 -22.15 -24.60
C GLY A 275 -6.57 -21.52 -25.99
N ALA A 276 -7.68 -21.05 -26.52
CA ALA A 276 -7.74 -20.45 -27.84
C ALA A 276 -6.74 -19.28 -27.95
N TRP A 277 -6.00 -19.28 -29.06
CA TRP A 277 -5.01 -18.24 -29.38
C TRP A 277 -3.78 -18.33 -28.48
N SER A 278 -3.58 -19.45 -27.79
CA SER A 278 -2.34 -19.70 -27.07
C SER A 278 -1.24 -20.09 -28.08
N ASP A 279 0.01 -19.89 -27.70
CA ASP A 279 1.19 -20.18 -28.53
C ASP A 279 1.11 -21.33 -29.57
N ASP A 280 0.68 -22.52 -29.14
CA ASP A 280 0.60 -23.67 -30.04
C ASP A 280 -0.86 -23.96 -30.47
N ALA A 281 -1.76 -23.04 -30.21
CA ALA A 281 -3.20 -23.20 -30.48
C ALA A 281 -3.51 -23.27 -31.98
N PRO A 282 -4.61 -23.97 -32.35
CA PRO A 282 -4.94 -24.19 -33.76
C PRO A 282 -5.64 -23.05 -34.51
N GLU A 283 -6.07 -22.01 -33.79
CA GLU A 283 -6.79 -20.89 -34.41
C GLU A 283 -5.84 -20.09 -35.33
N TRP A 284 -4.55 -20.11 -35.00
CA TRP A 284 -3.51 -19.44 -35.80
C TRP A 284 -3.35 -19.99 -37.20
N ASN A 285 -3.83 -21.21 -37.44
CA ASN A 285 -3.76 -21.81 -38.80
C ASN A 285 -5.00 -21.48 -39.63
N HIS A 286 -5.89 -20.66 -39.08
CA HIS A 286 -7.14 -20.25 -39.75
C HIS A 286 -7.24 -18.74 -39.81
N ILE A 287 -6.06 -18.10 -39.87
CA ILE A 287 -5.91 -16.69 -40.23
C ILE A 287 -4.85 -16.54 -41.36
N ASP A 288 -4.69 -15.30 -41.80
CA ASP A 288 -3.71 -14.89 -42.81
C ASP A 288 -2.32 -15.31 -42.33
N PRO A 289 -1.66 -16.27 -43.02
CA PRO A 289 -0.37 -16.78 -42.48
C PRO A 289 0.69 -15.71 -42.10
N ARG A 290 0.60 -14.55 -42.75
CA ARG A 290 1.38 -13.37 -42.36
C ARG A 290 1.10 -12.90 -40.91
N ARG A 291 -0.17 -12.84 -40.53
CA ARG A 291 -0.54 -12.50 -39.17
C ARG A 291 -0.05 -13.52 -38.16
N LYS A 292 -0.15 -14.83 -38.47
CA LYS A 292 0.38 -15.87 -37.59
C LYS A 292 1.89 -15.64 -37.33
N GLU A 293 2.65 -15.30 -38.36
CA GLU A 293 4.11 -15.06 -38.23
C GLU A 293 4.48 -13.89 -37.30
N GLU A 294 3.75 -12.77 -37.46
CA GLU A 294 3.92 -11.55 -36.71
C GLU A 294 3.53 -11.66 -35.22
N LEU A 295 2.46 -12.43 -34.94
CA LEU A 295 1.82 -12.48 -33.62
C LEU A 295 2.06 -13.76 -32.78
N ASP A 296 1.95 -14.92 -33.42
CA ASP A 296 2.06 -16.18 -32.74
C ASP A 296 3.54 -16.54 -32.51
N LYS A 297 4.08 -16.02 -31.42
CA LYS A 297 5.43 -16.31 -30.96
C LYS A 297 5.34 -17.57 -30.08
N LYS A 298 6.23 -18.54 -30.37
CA LYS A 298 6.18 -19.84 -29.72
C LYS A 298 7.36 -20.00 -28.73
N VAL A 299 7.26 -19.27 -27.62
CA VAL A 299 8.29 -19.22 -26.59
C VAL A 299 7.58 -19.37 -25.24
N GLU A 300 8.12 -20.24 -24.39
CA GLU A 300 7.66 -20.35 -23.02
C GLU A 300 8.30 -19.19 -22.25
N ASP A 301 7.58 -18.08 -22.19
CA ASP A 301 8.08 -16.81 -21.66
C ASP A 301 7.12 -16.04 -20.76
N GLY A 302 5.96 -16.60 -20.43
CA GLY A 302 4.92 -15.92 -19.67
C GLY A 302 3.94 -15.07 -20.48
N GLU A 303 4.28 -14.79 -21.74
CA GLU A 303 3.52 -13.87 -22.58
C GLU A 303 2.74 -14.66 -23.65
N PHE A 304 1.46 -14.38 -23.76
CA PHE A 304 0.56 -15.08 -24.68
C PHE A 304 -0.63 -14.20 -25.09
N TRP A 305 -1.31 -14.66 -26.15
CA TRP A 305 -2.57 -14.12 -26.58
C TRP A 305 -3.75 -14.93 -26.10
N MET A 306 -4.84 -14.20 -25.86
CA MET A 306 -6.19 -14.73 -25.71
C MET A 306 -7.08 -13.89 -26.59
N SER A 307 -8.23 -14.43 -26.98
CA SER A 307 -9.33 -13.60 -27.53
C SER A 307 -9.86 -12.67 -26.42
N LEU A 308 -10.39 -11.51 -26.82
CA LEU A 308 -10.95 -10.56 -25.85
C LEU A 308 -12.17 -11.12 -25.13
N SER A 309 -12.93 -11.96 -25.83
CA SER A 309 -14.06 -12.71 -25.25
C SER A 309 -13.64 -13.67 -24.13
N ASP A 310 -12.62 -14.47 -24.42
CA ASP A 310 -12.02 -15.36 -23.44
C ASP A 310 -11.38 -14.59 -22.29
N PHE A 311 -10.74 -13.46 -22.60
CA PHE A 311 -10.22 -12.57 -21.59
C PHE A 311 -11.31 -12.11 -20.57
N VAL A 312 -12.44 -11.55 -21.05
CA VAL A 312 -13.47 -11.09 -20.11
C VAL A 312 -14.13 -12.22 -19.27
N ARG A 313 -14.23 -13.43 -19.83
CA ARG A 313 -14.76 -14.60 -19.11
C ARG A 313 -13.83 -15.09 -18.00
N GLN A 314 -12.53 -15.10 -18.28
CA GLN A 314 -11.53 -15.69 -17.39
C GLN A 314 -11.12 -14.75 -16.24
N PHE A 315 -10.88 -13.46 -16.57
CA PHE A 315 -10.44 -12.46 -15.58
C PHE A 315 -11.56 -11.60 -14.94
N SER A 316 -11.27 -11.04 -13.76
CA SER A 316 -12.27 -10.27 -13.01
C SER A 316 -12.20 -8.77 -13.33
N ARG A 317 -10.98 -8.27 -13.49
CA ARG A 317 -10.71 -6.84 -13.57
C ARG A 317 -9.56 -6.46 -14.45
N LEU A 318 -9.75 -5.32 -15.13
CA LEU A 318 -8.68 -4.61 -15.80
C LEU A 318 -8.35 -3.36 -15.00
N GLU A 319 -7.07 -3.16 -14.70
CA GLU A 319 -6.57 -1.87 -14.19
C GLU A 319 -5.73 -1.09 -15.22
N ILE A 320 -5.97 0.22 -15.30
CA ILE A 320 -5.23 1.12 -16.18
C ILE A 320 -4.73 2.28 -15.35
N CYS A 321 -3.41 2.46 -15.34
N CYS A 321 -3.41 2.46 -15.33
CA CYS A 321 -2.80 3.59 -14.67
CA CYS A 321 -2.80 3.58 -14.65
C CYS A 321 -2.46 4.65 -15.71
C CYS A 321 -2.45 4.66 -15.69
N ASN A 322 -3.30 5.67 -15.83
CA ASN A 322 -3.11 6.75 -16.84
C ASN A 322 -2.11 7.81 -16.39
N ASN B 3 -24.45 -2.10 -5.21
CA ASN B 3 -24.15 -2.59 -3.83
C ASN B 3 -22.75 -3.26 -3.78
N ALA B 4 -22.01 -3.06 -2.68
CA ALA B 4 -20.60 -3.48 -2.57
C ALA B 4 -20.27 -4.93 -2.91
N LEU B 5 -19.08 -5.16 -3.45
CA LEU B 5 -18.59 -6.50 -3.78
C LEU B 5 -18.25 -7.22 -2.47
N LYS B 6 -18.65 -8.47 -2.35
CA LYS B 6 -18.42 -9.24 -1.13
C LYS B 6 -17.07 -9.92 -1.25
N TYR B 7 -16.14 -9.48 -0.39
CA TYR B 7 -14.79 -10.01 -0.40
C TYR B 7 -14.76 -11.54 -0.19
N LEU B 8 -14.18 -12.24 -1.17
CA LEU B 8 -14.07 -13.72 -1.17
C LEU B 8 -15.43 -14.42 -1.24
N GLY B 9 -16.41 -13.68 -1.75
CA GLY B 9 -17.78 -14.15 -1.82
C GLY B 9 -18.44 -14.39 -0.48
N GLN B 10 -17.97 -13.72 0.57
CA GLN B 10 -18.48 -14.01 1.91
C GLN B 10 -19.65 -13.10 2.23
N ASP B 11 -20.81 -13.70 2.50
CA ASP B 11 -22.06 -12.96 2.77
C ASP B 11 -22.32 -12.90 4.27
N PHE B 12 -22.29 -11.68 4.82
CA PHE B 12 -22.52 -11.42 6.25
C PHE B 12 -23.81 -12.06 6.75
N LYS B 13 -24.94 -11.65 6.17
CA LYS B 13 -26.29 -12.00 6.68
C LYS B 13 -26.58 -13.50 6.67
N THR B 14 -26.19 -14.21 5.62
CA THR B 14 -26.37 -15.67 5.60
C THR B 14 -25.38 -16.44 6.49
N LEU B 15 -24.11 -16.02 6.56
CA LEU B 15 -23.13 -16.63 7.54
C LEU B 15 -23.52 -16.41 9.02
N ARG B 16 -24.05 -15.22 9.31
CA ARG B 16 -24.53 -14.88 10.65
C ARG B 16 -25.70 -15.76 11.08
N GLN B 17 -26.66 -15.97 10.16
CA GLN B 17 -27.84 -16.81 10.45
C GLN B 17 -27.49 -18.30 10.54
N GLN B 18 -26.57 -18.77 9.70
CA GLN B 18 -25.99 -20.11 9.83
C GLN B 18 -25.41 -20.36 11.22
N CYS B 19 -24.65 -19.40 11.73
CA CYS B 19 -24.12 -19.49 13.08
C CYS B 19 -25.21 -19.45 14.18
N LEU B 20 -26.21 -18.58 14.02
CA LEU B 20 -27.30 -18.48 15.01
C LEU B 20 -28.12 -19.79 15.04
N ASP B 21 -28.49 -20.27 13.86
CA ASP B 21 -29.18 -21.55 13.68
C ASP B 21 -28.33 -22.74 14.21
N SER B 22 -27.01 -22.74 13.98
CA SER B 22 -26.10 -23.72 14.62
C SER B 22 -25.92 -23.52 16.14
N GLY B 23 -26.11 -22.30 16.63
CA GLY B 23 -25.82 -21.96 18.00
C GLY B 23 -24.33 -21.89 18.32
N VAL B 24 -23.50 -21.71 17.27
CA VAL B 24 -22.06 -21.44 17.44
C VAL B 24 -21.71 -19.97 17.15
N LEU B 25 -20.46 -19.62 17.45
CA LEU B 25 -19.91 -18.32 17.09
C LEU B 25 -19.05 -18.50 15.82
N PHE B 26 -19.20 -17.57 14.89
CA PHE B 26 -18.47 -17.56 13.62
C PHE B 26 -17.01 -17.64 13.90
N LYS B 27 -16.34 -18.59 13.25
CA LYS B 27 -14.88 -18.60 13.08
C LYS B 27 -14.61 -18.46 11.57
N ASP B 28 -14.06 -17.31 11.18
CA ASP B 28 -13.68 -16.99 9.79
C ASP B 28 -12.65 -17.98 9.21
N PRO B 29 -13.07 -18.84 8.26
CA PRO B 29 -12.11 -19.80 7.69
C PRO B 29 -11.06 -19.13 6.80
N GLU B 30 -11.31 -17.87 6.40
CA GLU B 30 -10.46 -17.14 5.46
C GLU B 30 -9.53 -16.13 6.14
N PHE B 31 -9.55 -16.10 7.48
CA PHE B 31 -8.62 -15.30 8.26
C PHE B 31 -8.48 -15.92 9.64
N PRO B 32 -7.84 -17.10 9.73
CA PRO B 32 -7.72 -17.78 11.02
C PRO B 32 -6.97 -16.95 12.10
N ALA B 33 -7.52 -17.00 13.33
CA ALA B 33 -6.88 -16.46 14.52
C ALA B 33 -5.55 -17.17 14.82
N CSO B 34 -4.56 -16.92 13.94
CA CSO B 34 -3.28 -17.66 13.87
CB CSO B 34 -3.25 -18.66 12.71
SG CSO B 34 -4.47 -19.93 12.91
C CSO B 34 -2.09 -16.74 13.68
O CSO B 34 -2.27 -15.58 13.36
OD CSO B 34 -3.78 -21.15 14.11
N PRO B 35 -0.85 -17.25 13.88
CA PRO B 35 0.33 -16.41 13.64
C PRO B 35 0.36 -15.73 12.24
N SER B 36 -0.22 -16.40 11.24
CA SER B 36 -0.35 -15.87 9.87
C SER B 36 -1.17 -14.56 9.76
N ALA B 37 -2.23 -14.42 10.57
CA ALA B 37 -3.05 -13.22 10.62
C ALA B 37 -2.34 -12.03 11.26
N LEU B 38 -1.24 -12.29 11.98
CA LEU B 38 -0.44 -11.26 12.66
C LEU B 38 0.65 -10.66 11.81
N GLY B 39 1.50 -11.49 11.21
CA GLY B 39 2.50 -11.00 10.26
C GLY B 39 3.74 -11.83 10.14
N TYR B 40 4.86 -11.14 9.91
CA TYR B 40 6.07 -11.78 9.37
C TYR B 40 7.43 -11.44 10.02
N LYS B 41 7.60 -10.24 10.57
CA LYS B 41 8.88 -9.79 11.18
C LYS B 41 8.70 -9.26 12.61
N ASP B 42 8.21 -8.02 12.75
CA ASP B 42 7.93 -7.41 14.06
C ASP B 42 6.77 -8.13 14.77
N LEU B 43 5.94 -8.85 13.99
CA LEU B 43 4.84 -9.70 14.51
C LEU B 43 4.82 -11.13 13.91
N GLY B 44 5.97 -11.63 13.45
CA GLY B 44 6.07 -13.03 12.97
C GLY B 44 6.37 -14.03 14.07
N PRO B 45 6.48 -15.33 13.72
CA PRO B 45 6.85 -16.39 14.67
C PRO B 45 8.04 -15.97 15.56
N GLY B 46 7.84 -15.98 16.88
CA GLY B 46 8.86 -15.51 17.82
C GLY B 46 8.79 -14.02 18.05
N PRO B 48 9.24 -11.58 19.91
CA PRO B 48 9.25 -10.71 21.07
C PRO B 48 7.90 -10.03 21.28
N GLN B 49 7.42 -9.32 20.25
CA GLN B 49 6.14 -8.59 20.31
C GLN B 49 4.94 -9.56 20.27
N THR B 50 5.17 -10.79 19.78
CA THR B 50 4.11 -11.83 19.68
C THR B 50 4.14 -12.88 20.79
N GLN B 51 5.06 -12.75 21.76
CA GLN B 51 5.14 -13.74 22.84
C GLN B 51 3.93 -13.54 23.78
N GLY B 52 3.12 -14.59 23.93
CA GLY B 52 1.96 -14.56 24.82
C GLY B 52 0.71 -13.89 24.27
N ILE B 53 0.57 -13.88 22.95
CA ILE B 53 -0.66 -13.41 22.31
C ILE B 53 -1.77 -14.48 22.46
N ILE B 54 -2.88 -14.06 23.05
CA ILE B 54 -4.11 -14.85 23.16
C ILE B 54 -5.19 -14.10 22.40
N TRP B 55 -5.84 -14.76 21.47
CA TRP B 55 -7.00 -14.21 20.79
C TRP B 55 -8.23 -14.37 21.69
N LYS B 56 -8.93 -13.25 21.90
CA LYS B 56 -10.16 -13.18 22.69
C LYS B 56 -11.21 -12.31 21.97
N ARG B 57 -12.44 -12.81 21.95
CA ARG B 57 -13.61 -12.03 21.55
C ARG B 57 -13.92 -11.05 22.66
N PRO B 58 -14.51 -9.88 22.33
CA PRO B 58 -14.86 -8.86 23.33
C PRO B 58 -15.78 -9.36 24.44
N THR B 59 -16.56 -10.38 24.10
CA THR B 59 -17.41 -11.10 25.03
C THR B 59 -16.62 -11.95 26.04
N GLU B 60 -15.36 -12.29 25.73
CA GLU B 60 -14.46 -12.97 26.67
C GLU B 60 -13.63 -11.98 27.50
N LEU B 61 -13.44 -10.79 26.95
CA LEU B 61 -12.68 -9.72 27.60
C LEU B 61 -13.55 -8.97 28.61
N CSO B 62 -14.79 -8.69 28.21
CA CSO B 62 -15.75 -7.94 28.99
CB CSO B 62 -16.07 -6.60 28.33
SG CSO B 62 -14.55 -5.73 28.08
C CSO B 62 -17.05 -8.68 29.23
O CSO B 62 -17.45 -9.49 28.39
OD CSO B 62 -14.09 -5.02 29.65
N PRO B 63 -17.71 -8.39 30.37
CA PRO B 63 -19.01 -9.00 30.70
C PRO B 63 -20.20 -8.47 29.87
N SER B 64 -20.10 -7.24 29.37
CA SER B 64 -21.15 -6.56 28.58
C SER B 64 -20.53 -5.62 27.48
N PRO B 65 -19.83 -6.22 26.48
CA PRO B 65 -19.15 -5.40 25.46
C PRO B 65 -20.12 -4.62 24.54
N GLN B 66 -19.71 -3.42 24.15
CA GLN B 66 -20.48 -2.57 23.23
C GLN B 66 -19.68 -2.36 21.92
N PHE B 67 -20.41 -2.20 20.82
CA PHE B 67 -19.82 -1.87 19.53
C PHE B 67 -19.45 -0.39 19.54
N ILE B 68 -20.44 0.48 19.75
CA ILE B 68 -20.25 1.93 19.84
C ILE B 68 -20.81 2.47 21.17
N VAL B 69 -20.06 3.41 21.77
CA VAL B 69 -20.40 4.05 23.03
C VAL B 69 -20.24 5.57 22.86
N GLY B 70 -21.33 6.34 22.88
CA GLY B 70 -21.22 7.80 22.75
C GLY B 70 -20.58 8.25 21.43
N GLY B 71 -20.97 7.58 20.36
CA GLY B 71 -20.53 7.93 19.03
C GLY B 71 -19.29 7.21 18.58
N ALA B 72 -19.11 7.11 17.27
CA ALA B 72 -17.91 6.57 16.68
C ALA B 72 -17.07 7.80 16.37
N THR B 73 -16.16 8.11 17.30
CA THR B 73 -15.42 9.38 17.26
C THR B 73 -13.92 9.15 17.38
N ARG B 74 -13.14 10.19 17.08
CA ARG B 74 -11.70 10.03 16.99
C ARG B 74 -11.04 9.68 18.32
N THR B 75 -11.67 10.02 19.46
CA THR B 75 -11.19 9.64 20.80
C THR B 75 -11.12 8.09 21.01
N ASP B 76 -11.78 7.36 20.11
CA ASP B 76 -11.83 5.91 20.11
C ASP B 76 -10.69 5.24 19.31
N ILE B 77 -9.87 6.05 18.66
CA ILE B 77 -8.72 5.57 17.90
C ILE B 77 -7.42 5.72 18.68
N CSO B 78 -7.04 4.69 19.42
CA CSO B 78 -5.72 4.65 20.09
CB CSO B 78 -5.84 4.55 21.62
SG CSO B 78 -6.85 5.85 22.33
C CSO B 78 -4.87 3.48 19.58
O CSO B 78 -5.21 2.30 19.74
OD CSO B 78 -7.21 5.37 23.94
N GLN B 79 -3.74 3.84 18.98
CA GLN B 79 -2.83 2.93 18.34
C GLN B 79 -2.20 2.01 19.38
N GLY B 80 -2.16 0.72 19.10
CA GLY B 80 -1.48 -0.25 19.97
C GLY B 80 -0.07 -0.53 19.47
N GLY B 81 0.48 -1.71 19.80
CA GLY B 81 1.86 -2.10 19.42
C GLY B 81 2.01 -2.52 17.97
N LEU B 82 1.77 -1.56 17.07
CA LEU B 82 1.72 -1.79 15.62
C LEU B 82 1.87 -0.45 14.91
N GLY B 83 2.80 -0.36 13.96
CA GLY B 83 3.11 0.92 13.27
C GLY B 83 2.15 1.34 12.15
N ASP B 84 0.86 1.12 12.35
CA ASP B 84 -0.16 1.48 11.34
C ASP B 84 -0.75 2.87 11.58
N CYS B 85 0.13 3.86 11.77
CA CYS B 85 -0.25 5.24 12.13
C CYS B 85 -0.99 5.98 11.01
N TRP B 86 -0.57 5.77 9.77
CA TRP B 86 -1.27 6.38 8.64
C TRP B 86 -2.74 5.92 8.61
N LEU B 87 -2.95 4.61 8.73
CA LEU B 87 -4.29 4.05 8.77
C LEU B 87 -5.12 4.70 9.89
N LEU B 88 -4.58 4.72 11.10
CA LEU B 88 -5.34 5.18 12.25
C LEU B 88 -5.60 6.69 12.22
N ALA B 89 -4.68 7.45 11.63
CA ALA B 89 -4.91 8.88 11.42
C ALA B 89 -5.99 9.06 10.38
N ALA B 90 -5.98 8.23 9.35
CA ALA B 90 -7.05 8.16 8.34
C ALA B 90 -8.44 7.91 8.93
N ILE B 91 -8.53 6.95 9.85
CA ILE B 91 -9.79 6.54 10.43
C ILE B 91 -10.32 7.63 11.36
N ALA B 92 -9.42 8.20 12.18
CA ALA B 92 -9.67 9.38 13.02
C ALA B 92 -10.17 10.59 12.22
N SER B 93 -9.49 10.88 11.11
CA SER B 93 -9.92 11.87 10.12
C SER B 93 -11.33 11.58 9.59
N LEU B 94 -11.52 10.33 9.13
CA LEU B 94 -12.79 9.84 8.62
C LEU B 94 -13.95 9.99 9.65
N THR B 95 -13.66 9.92 10.95
CA THR B 95 -14.73 10.13 11.97
C THR B 95 -15.33 11.54 11.94
N LEU B 96 -14.63 12.49 11.33
CA LEU B 96 -15.15 13.87 11.16
C LEU B 96 -16.13 14.01 9.95
N ASN B 97 -16.20 12.97 9.11
CA ASN B 97 -17.17 12.86 8.02
C ASN B 97 -18.16 11.72 8.37
N GLU B 98 -19.26 12.11 9.00
CA GLU B 98 -20.21 11.18 9.65
C GLU B 98 -20.85 10.24 8.63
N GLU B 99 -21.34 10.81 7.52
CA GLU B 99 -22.02 10.08 6.46
C GLU B 99 -21.11 8.96 5.91
N LEU B 100 -19.88 9.34 5.58
CA LEU B 100 -18.88 8.39 5.12
C LEU B 100 -18.37 7.39 6.20
N LEU B 101 -18.14 7.87 7.42
CA LEU B 101 -17.78 6.97 8.51
C LEU B 101 -18.77 5.81 8.66
N TYR B 102 -20.07 6.13 8.57
CA TYR B 102 -21.10 5.10 8.74
C TYR B 102 -21.45 4.25 7.49
N ARG B 103 -20.86 4.59 6.35
CA ARG B 103 -20.78 3.63 5.25
C ARG B 103 -19.65 2.60 5.43
N VAL B 104 -18.53 3.02 6.05
CA VAL B 104 -17.41 2.11 6.32
C VAL B 104 -17.74 1.23 7.55
N VAL B 105 -18.31 1.89 8.57
CA VAL B 105 -18.77 1.24 9.81
C VAL B 105 -20.29 1.08 9.83
N PRO B 106 -20.81 -0.09 9.37
CA PRO B 106 -22.25 -0.29 9.43
C PRO B 106 -22.75 -0.26 10.89
N ARG B 107 -23.79 0.53 11.14
CA ARG B 107 -24.26 0.77 12.52
C ARG B 107 -25.14 -0.32 13.11
N ASP B 108 -25.78 -1.16 12.29
CA ASP B 108 -26.69 -2.19 12.79
C ASP B 108 -25.94 -3.48 13.18
N GLN B 109 -24.98 -3.34 14.10
CA GLN B 109 -24.13 -4.44 14.60
C GLN B 109 -23.95 -4.31 16.10
N ASP B 110 -23.98 -5.41 16.83
CA ASP B 110 -23.77 -5.33 18.28
C ASP B 110 -23.40 -6.68 18.89
N PHE B 111 -23.40 -6.74 20.23
CA PHE B 111 -23.06 -7.92 21.01
C PHE B 111 -24.26 -8.51 21.77
N GLN B 112 -25.46 -8.01 21.49
CA GLN B 112 -26.68 -8.50 22.10
C GLN B 112 -27.51 -9.22 21.04
N GLU B 113 -28.55 -8.56 20.52
CA GLU B 113 -29.48 -9.18 19.60
C GLU B 113 -28.73 -9.61 18.31
N ASN B 114 -29.00 -10.83 17.85
CA ASN B 114 -28.35 -11.39 16.64
C ASN B 114 -26.83 -11.66 16.75
N TYR B 115 -26.25 -11.58 17.96
CA TYR B 115 -24.81 -11.71 18.09
C TYR B 115 -24.37 -13.16 17.81
N ALA B 116 -23.48 -13.31 16.84
CA ALA B 116 -22.93 -14.61 16.43
C ALA B 116 -21.40 -14.56 16.18
N GLY B 117 -20.72 -13.56 16.75
CA GLY B 117 -19.25 -13.42 16.63
C GLY B 117 -18.75 -13.06 15.23
N ILE B 118 -19.58 -12.33 14.48
CA ILE B 118 -19.31 -11.96 13.10
C ILE B 118 -19.62 -10.47 12.95
N PHE B 119 -18.76 -9.77 12.23
CA PHE B 119 -18.94 -8.34 11.93
C PHE B 119 -18.58 -8.07 10.47
N HIS B 120 -19.09 -6.96 9.95
CA HIS B 120 -18.80 -6.54 8.58
C HIS B 120 -18.53 -5.03 8.51
N PHE B 121 -17.68 -4.66 7.56
CA PHE B 121 -17.26 -3.30 7.25
C PHE B 121 -17.07 -3.19 5.74
N GLN B 122 -17.29 -1.99 5.19
CA GLN B 122 -17.10 -1.74 3.79
C GLN B 122 -15.94 -0.81 3.54
N PHE B 123 -15.01 -1.22 2.68
CA PHE B 123 -13.87 -0.40 2.31
C PHE B 123 -13.88 0.01 0.81
N TRP B 124 -12.88 0.79 0.38
CA TRP B 124 -12.74 1.15 -1.03
C TRP B 124 -11.59 0.36 -1.68
N GLN B 125 -11.92 -0.54 -2.60
CA GLN B 125 -10.87 -1.23 -3.35
C GLN B 125 -11.26 -1.34 -4.82
N TYR B 126 -10.27 -1.09 -5.69
CA TYR B 126 -10.41 -1.20 -7.15
C TYR B 126 -11.60 -0.40 -7.72
N GLY B 127 -11.68 0.87 -7.34
CA GLY B 127 -12.75 1.77 -7.86
C GLY B 127 -14.17 1.42 -7.44
N GLU B 128 -14.32 0.78 -6.28
CA GLU B 128 -15.64 0.42 -5.76
C GLU B 128 -15.61 0.09 -4.24
N TRP B 129 -16.80 -0.03 -3.63
CA TRP B 129 -16.93 -0.50 -2.25
C TRP B 129 -16.80 -2.02 -2.20
N VAL B 130 -16.04 -2.49 -1.23
CA VAL B 130 -15.89 -3.92 -0.91
C VAL B 130 -16.33 -4.15 0.53
N GLU B 131 -17.17 -5.17 0.75
CA GLU B 131 -17.60 -5.58 2.10
C GLU B 131 -16.72 -6.72 2.60
N VAL B 132 -16.20 -6.56 3.82
CA VAL B 132 -15.34 -7.55 4.43
C VAL B 132 -15.99 -8.06 5.72
N VAL B 133 -16.08 -9.37 5.83
CA VAL B 133 -16.59 -10.07 7.04
C VAL B 133 -15.41 -10.48 7.95
N ILE B 134 -15.60 -10.38 9.26
CA ILE B 134 -14.63 -10.88 10.24
C ILE B 134 -15.33 -11.59 11.38
N ASP B 135 -14.62 -12.48 12.07
CA ASP B 135 -15.04 -12.86 13.40
C ASP B 135 -14.39 -11.89 14.41
N ASP B 136 -14.85 -11.91 15.67
CA ASP B 136 -14.44 -10.85 16.61
C ASP B 136 -13.33 -11.27 17.57
N ARG B 137 -12.68 -12.40 17.28
CA ARG B 137 -11.45 -12.80 17.96
C ARG B 137 -10.39 -11.75 17.66
N LEU B 138 -9.92 -11.08 18.73
CA LEU B 138 -8.92 -10.04 18.61
C LEU B 138 -7.63 -10.39 19.37
N PRO B 139 -6.45 -10.03 18.80
CA PRO B 139 -5.18 -10.30 19.53
C PRO B 139 -5.09 -9.63 20.93
N THR B 140 -4.73 -10.39 21.95
CA THR B 140 -4.57 -9.78 23.27
C THR B 140 -3.30 -10.27 23.93
N LYS B 141 -2.73 -9.42 24.78
CA LYS B 141 -1.54 -9.76 25.55
C LYS B 141 -1.66 -9.15 26.94
N ASN B 142 -1.36 -9.93 27.98
CA ASN B 142 -1.49 -9.48 29.39
C ASN B 142 -2.88 -8.91 29.68
N GLY B 143 -3.91 -9.55 29.14
CA GLY B 143 -5.31 -9.25 29.46
C GLY B 143 -5.87 -8.02 28.77
N GLN B 144 -5.13 -7.57 27.75
CA GLN B 144 -5.41 -6.33 27.08
C GLN B 144 -5.31 -6.47 25.55
N LEU B 145 -6.12 -5.70 24.84
CA LEU B 145 -5.92 -5.53 23.38
C LEU B 145 -4.46 -5.10 23.06
N LEU B 146 -3.86 -5.75 22.07
CA LEU B 146 -2.51 -5.44 21.66
C LEU B 146 -2.46 -4.22 20.72
N PHE B 147 -3.37 -4.22 19.76
CA PHE B 147 -3.41 -3.23 18.69
C PHE B 147 -4.48 -2.17 18.99
N LEU B 148 -5.23 -1.73 17.99
CA LEU B 148 -6.17 -0.61 18.13
C LEU B 148 -7.20 -0.85 19.24
N HIS B 149 -7.39 0.19 20.05
CA HIS B 149 -8.34 0.18 21.18
C HIS B 149 -8.96 1.58 21.33
N SER B 150 -10.13 1.63 21.97
CA SER B 150 -10.81 2.88 22.32
C SER B 150 -10.30 3.38 23.67
N GLU B 151 -10.53 4.66 23.97
CA GLU B 151 -10.33 5.19 25.35
C GLU B 151 -11.35 4.59 26.33
N GLN B 152 -12.56 4.28 25.83
CA GLN B 152 -13.56 3.55 26.60
C GLN B 152 -13.28 2.08 26.38
N GLY B 153 -12.89 1.38 27.45
CA GLY B 153 -12.43 -0.02 27.38
C GLY B 153 -13.48 -1.06 27.00
N ASN B 154 -14.76 -0.70 27.17
CA ASN B 154 -15.91 -1.56 26.80
C ASN B 154 -16.36 -1.39 25.33
N GLU B 155 -15.63 -0.60 24.55
CA GLU B 155 -16.01 -0.29 23.17
C GLU B 155 -15.06 -0.94 22.20
N PHE B 156 -15.62 -1.50 21.12
CA PHE B 156 -14.91 -2.43 20.25
C PHE B 156 -15.02 -2.16 18.74
N TRP B 157 -15.87 -1.23 18.31
CA TRP B 157 -15.96 -0.94 16.86
C TRP B 157 -14.61 -0.70 16.20
N SER B 158 -13.75 0.11 16.82
CA SER B 158 -12.47 0.49 16.17
C SER B 158 -11.46 -0.66 16.15
N ALA B 159 -11.41 -1.46 17.21
CA ALA B 159 -10.65 -2.72 17.26
C ALA B 159 -11.06 -3.67 16.14
N LEU B 160 -12.36 -3.87 15.97
CA LEU B 160 -12.89 -4.73 14.90
C LEU B 160 -12.60 -4.14 13.48
N LEU B 161 -12.82 -2.84 13.30
CA LEU B 161 -12.46 -2.15 12.04
C LEU B 161 -11.03 -2.44 11.57
N GLU B 162 -10.08 -2.26 12.49
CA GLU B 162 -8.67 -2.46 12.20
C GLU B 162 -8.38 -3.93 11.86
N LYS B 163 -9.07 -4.87 12.52
CA LYS B 163 -9.02 -6.28 12.14
C LYS B 163 -9.50 -6.55 10.69
N ALA B 164 -10.59 -5.92 10.25
CA ALA B 164 -11.08 -6.09 8.87
C ALA B 164 -10.07 -5.51 7.85
N TYR B 165 -9.40 -4.40 8.20
CA TYR B 165 -8.31 -3.85 7.38
C TYR B 165 -7.15 -4.83 7.30
N ALA B 166 -6.76 -5.41 8.44
CA ALA B 166 -5.72 -6.45 8.50
C ALA B 166 -6.01 -7.64 7.57
N LYS B 167 -7.24 -8.17 7.65
CA LYS B 167 -7.71 -9.24 6.75
C LYS B 167 -7.52 -8.92 5.29
N LEU B 168 -8.00 -7.74 4.90
CA LEU B 168 -7.95 -7.27 3.51
C LEU B 168 -6.49 -7.06 3.06
N ASN B 169 -5.63 -6.71 4.00
CA ASN B 169 -4.22 -6.52 3.73
C ASN B 169 -3.38 -7.76 3.93
N GLY B 170 -4.02 -8.88 4.25
CA GLY B 170 -3.32 -10.13 4.49
C GLY B 170 -2.99 -10.39 5.96
N CSO B 171 -2.57 -9.37 6.70
CA CSO B 171 -2.19 -9.50 8.11
CB CSO B 171 -0.91 -10.38 8.28
SG CSO B 171 0.50 -9.65 7.45
C CSO B 171 -2.06 -8.13 8.76
O CSO B 171 -2.07 -7.11 8.06
OD CSO B 171 0.45 -10.18 5.68
N TYR B 172 -1.99 -8.11 10.10
CA TYR B 172 -1.81 -6.87 10.83
C TYR B 172 -0.51 -6.17 10.42
N GLU B 173 0.60 -6.91 10.32
CA GLU B 173 1.91 -6.30 10.00
C GLU B 173 1.91 -5.48 8.69
N ALA B 174 1.21 -6.00 7.69
CA ALA B 174 0.91 -5.35 6.39
C ALA B 174 0.29 -3.95 6.45
N LEU B 175 -0.32 -3.61 7.59
CA LEU B 175 -0.90 -2.28 7.83
C LEU B 175 0.13 -1.27 8.35
N ALA B 176 1.26 -1.76 8.86
CA ALA B 176 2.35 -0.91 9.37
C ALA B 176 3.34 -0.49 8.29
N GLY B 177 3.77 0.78 8.34
CA GLY B 177 4.89 1.29 7.53
C GLY B 177 4.53 2.23 6.37
N GLY B 178 3.28 2.22 5.96
CA GLY B 178 2.93 2.81 4.67
C GLY B 178 2.09 4.06 4.72
N SER B 179 1.81 4.61 3.55
CA SER B 179 1.03 5.83 3.43
C SER B 179 -0.25 5.48 2.73
N THR B 180 -0.50 4.19 2.65
CA THR B 180 -1.79 3.68 2.28
C THR B 180 -1.83 2.16 2.61
N VAL B 181 -3.00 1.55 2.42
CA VAL B 181 -3.25 0.14 2.69
C VAL B 181 -4.42 -0.28 1.83
N GLU B 182 -4.58 -1.59 1.61
CA GLU B 182 -5.72 -2.12 0.87
C GLU B 182 -7.02 -1.74 1.59
N GLY B 183 -7.98 -1.20 0.82
CA GLY B 183 -9.22 -0.68 1.40
C GLY B 183 -9.24 0.82 1.60
N PHE B 184 -8.09 1.48 1.41
CA PHE B 184 -7.95 2.95 1.54
C PHE B 184 -7.17 3.67 0.40
N GLU B 185 -6.81 2.94 -0.65
CA GLU B 185 -6.05 3.51 -1.74
C GLU B 185 -7.05 4.27 -2.64
N ASP B 186 -6.75 5.53 -2.89
CA ASP B 186 -7.61 6.44 -3.66
C ASP B 186 -9.05 6.45 -3.15
N PHE B 187 -9.18 6.57 -1.83
CA PHE B 187 -10.47 6.47 -1.12
C PHE B 187 -11.64 7.23 -1.81
N THR B 188 -12.62 6.46 -2.28
CA THR B 188 -13.83 6.93 -3.03
C THR B 188 -13.58 7.54 -4.45
N GLY B 189 -12.39 7.35 -5.00
CA GLY B 189 -12.01 8.03 -6.23
C GLY B 189 -11.13 9.26 -6.00
N GLY B 190 -10.93 9.61 -4.73
CA GLY B 190 -9.99 10.67 -4.29
C GLY B 190 -8.60 10.63 -4.91
N SER B 192 -5.21 11.98 -4.08
CA SER B 192 -4.60 12.65 -2.92
C SER B 192 -3.58 13.71 -3.30
N GLU B 193 -3.57 14.78 -2.49
CA GLU B 193 -2.75 15.97 -2.74
C GLU B 193 -1.76 16.16 -1.60
N PHE B 194 -0.55 16.59 -1.94
CA PHE B 194 0.56 16.81 -1.00
C PHE B 194 1.15 18.23 -1.09
N TYR B 195 1.29 18.88 0.07
CA TYR B 195 1.87 20.23 0.21
C TYR B 195 3.21 20.14 0.97
N ASP B 196 4.23 20.72 0.34
CA ASP B 196 5.55 20.90 0.92
C ASP B 196 5.45 22.11 1.86
N LEU B 197 5.47 21.82 3.17
CA LEU B 197 5.31 22.84 4.21
C LEU B 197 6.51 23.83 4.33
N LYS B 198 7.63 23.52 3.67
CA LYS B 198 8.78 24.44 3.63
C LYS B 198 8.71 25.46 2.49
N LYS B 199 7.90 25.14 1.46
CA LYS B 199 7.55 26.08 0.39
C LYS B 199 6.00 26.07 0.25
N PRO B 200 5.27 26.56 1.28
CA PRO B 200 3.82 26.45 1.27
C PRO B 200 3.11 27.59 0.53
N PRO B 201 1.89 27.31 0.06
CA PRO B 201 1.07 28.32 -0.61
C PRO B 201 0.57 29.42 0.36
N ALA B 202 0.49 30.66 -0.12
CA ALA B 202 0.02 31.80 0.69
C ALA B 202 -1.36 31.53 1.31
N ASN B 203 -2.21 30.82 0.57
CA ASN B 203 -3.56 30.50 1.02
C ASN B 203 -3.73 29.13 1.72
N LEU B 204 -2.65 28.58 2.29
CA LEU B 204 -2.69 27.27 2.96
C LEU B 204 -3.80 27.12 4.00
N TYR B 205 -3.97 28.14 4.85
CA TYR B 205 -5.00 28.12 5.89
C TYR B 205 -6.41 27.84 5.29
N GLN B 206 -6.70 28.56 4.21
CA GLN B 206 -7.98 28.48 3.55
C GLN B 206 -8.14 27.12 2.81
N ILE B 207 -7.03 26.61 2.26
CA ILE B 207 -7.02 25.25 1.65
C ILE B 207 -7.40 24.19 2.66
N ILE B 208 -6.81 24.28 3.85
CA ILE B 208 -7.08 23.36 4.96
C ILE B 208 -8.56 23.47 5.44
N ARG B 209 -9.01 24.71 5.66
N ARG B 209 -9.01 24.70 5.69
CA ARG B 209 -10.34 25.01 6.21
CA ARG B 209 -10.34 25.00 6.18
C ARG B 209 -11.45 24.44 5.28
C ARG B 209 -11.43 24.45 5.26
N LYS B 210 -11.31 24.72 3.98
CA LYS B 210 -12.23 24.22 2.97
C LYS B 210 -12.26 22.69 2.97
N ALA B 211 -11.08 22.09 2.99
CA ALA B 211 -10.93 20.64 2.99
C ALA B 211 -11.58 20.05 4.23
N LEU B 212 -11.33 20.63 5.40
CA LEU B 212 -11.94 20.14 6.66
C LEU B 212 -13.47 20.19 6.66
N CSO B 213 -14.04 21.31 6.21
CA CSO B 213 -15.49 21.43 6.00
CB CSO B 213 -15.90 22.89 5.69
SG CSO B 213 -15.39 23.96 7.04
C CSO B 213 -16.09 20.54 4.91
O CSO B 213 -17.23 20.16 5.03
OD CSO B 213 -16.56 23.64 8.38
N ALA B 214 -15.33 20.25 3.85
CA ALA B 214 -15.73 19.26 2.82
C ALA B 214 -15.85 17.84 3.39
N GLY B 215 -15.12 17.56 4.48
CA GLY B 215 -15.12 16.23 5.08
C GLY B 215 -14.04 15.37 4.48
N SER B 216 -13.09 16.05 3.80
CA SER B 216 -11.86 15.45 3.31
C SER B 216 -11.02 14.88 4.47
N LEU B 217 -10.02 14.08 4.14
CA LEU B 217 -9.15 13.52 5.17
C LEU B 217 -7.81 14.24 5.04
N LEU B 218 -7.38 14.86 6.13
CA LEU B 218 -6.12 15.57 6.19
C LEU B 218 -5.15 14.96 7.21
N GLY B 219 -3.87 14.98 6.85
CA GLY B 219 -2.82 14.38 7.65
C GLY B 219 -1.47 15.01 7.41
N CYS B 220 -0.52 14.78 8.32
CA CYS B 220 0.82 15.41 8.25
C CYS B 220 1.88 14.58 8.98
N SER B 221 3.15 14.81 8.65
CA SER B 221 4.26 14.08 9.25
C SER B 221 5.62 14.81 9.13
N ILE B 222 6.55 14.39 9.98
CA ILE B 222 7.92 14.89 10.02
C ILE B 222 8.87 13.83 9.44
N ASP B 223 9.53 14.18 8.34
CA ASP B 223 10.54 13.31 7.72
C ASP B 223 11.84 13.20 8.54
N VAL B 224 12.55 12.12 8.25
CA VAL B 224 13.79 11.79 8.93
C VAL B 224 14.92 11.57 7.90
N TYR B 225 16.16 11.60 8.39
CA TYR B 225 17.40 11.38 7.58
C TYR B 225 18.12 10.12 8.02
N SER B 226 17.44 9.37 8.89
CA SER B 226 17.98 8.21 9.52
C SER B 226 16.81 7.29 9.84
N ALA B 227 16.91 6.01 9.48
CA ALA B 227 15.87 5.05 9.86
C ALA B 227 15.71 4.89 11.40
N ALA B 228 16.81 4.95 12.15
CA ALA B 228 16.76 4.89 13.64
C ALA B 228 15.98 6.05 14.27
N GLU B 229 15.91 7.17 13.56
CA GLU B 229 15.21 8.35 14.04
C GLU B 229 13.66 8.29 13.87
N ALA B 230 13.17 7.31 13.10
CA ALA B 230 11.74 7.01 13.07
C ALA B 230 11.17 6.78 14.50
N GLU B 231 10.08 7.48 14.77
CA GLU B 231 9.33 7.42 16.01
C GLU B 231 10.00 8.01 17.22
N ALA B 232 11.15 8.67 17.00
CA ALA B 232 11.84 9.47 18.01
C ALA B 232 11.00 10.67 18.36
N ILE B 233 11.16 11.14 19.59
CA ILE B 233 10.34 12.22 20.12
C ILE B 233 11.19 13.48 20.30
N THR B 234 10.71 14.58 19.73
CA THR B 234 11.43 15.85 19.78
C THR B 234 11.37 16.47 21.20
N SER B 235 12.15 17.54 21.41
CA SER B 235 12.17 18.22 22.72
C SER B 235 10.82 18.87 23.08
N GLN B 236 10.00 19.15 22.06
CA GLN B 236 8.64 19.69 22.27
C GLN B 236 7.50 18.63 22.08
N LYS B 237 7.85 17.35 22.20
CA LYS B 237 6.91 16.21 22.25
C LYS B 237 6.18 15.91 20.94
N LEU B 238 6.84 16.21 19.81
CA LEU B 238 6.38 15.72 18.52
C LEU B 238 7.08 14.38 18.19
N VAL B 239 6.37 13.48 17.53
CA VAL B 239 6.89 12.17 17.14
C VAL B 239 7.32 12.28 15.69
N LYS B 240 8.55 11.87 15.37
CA LYS B 240 9.08 11.89 13.99
C LYS B 240 8.67 10.64 13.19
N SER B 241 8.60 10.80 11.87
CA SER B 241 8.19 9.77 10.89
C SER B 241 6.86 9.09 11.25
N HIS B 242 5.88 9.91 11.61
CA HIS B 242 4.67 9.46 12.31
C HIS B 242 3.44 10.23 11.77
N ALA B 243 2.47 9.48 11.25
CA ALA B 243 1.22 10.03 10.72
C ALA B 243 0.36 10.72 11.80
N TYR B 244 0.08 12.01 11.62
CA TYR B 244 -0.91 12.75 12.46
C TYR B 244 -2.22 13.06 11.66
N SER B 245 -3.33 13.16 12.36
CA SER B 245 -4.58 13.66 11.76
C SER B 245 -4.61 15.19 11.93
N VAL B 246 -5.06 15.87 10.87
CA VAL B 246 -5.43 17.28 10.95
C VAL B 246 -6.98 17.37 11.17
N THR B 247 -7.38 17.87 12.34
CA THR B 247 -8.75 17.76 12.79
C THR B 247 -9.45 19.12 13.02
N GLY B 248 -8.80 20.23 12.69
CA GLY B 248 -9.42 21.53 12.97
C GLY B 248 -8.53 22.70 12.63
N VAL B 249 -9.15 23.79 12.15
CA VAL B 249 -8.49 25.08 12.05
C VAL B 249 -9.39 26.16 12.69
N GLU B 250 -8.74 27.15 13.31
CA GLU B 250 -9.39 28.31 13.89
C GLU B 250 -8.56 29.58 13.74
N GLU B 251 -9.25 30.72 13.73
CA GLU B 251 -8.59 32.01 13.85
C GLU B 251 -9.08 32.69 15.12
N VAL B 252 -8.14 32.98 16.01
CA VAL B 252 -8.38 33.75 17.25
C VAL B 252 -7.68 35.13 17.18
N ASN B 253 -8.05 36.02 18.10
CA ASN B 253 -7.42 37.35 18.20
C ASN B 253 -6.39 37.36 19.33
N PHE B 254 -5.14 37.61 18.99
CA PHE B 254 -3.98 37.42 19.89
C PHE B 254 -2.91 38.48 19.63
N GLN B 255 -2.66 39.33 20.62
CA GLN B 255 -1.72 40.45 20.52
C GLN B 255 -2.07 41.45 19.39
N GLY B 256 -3.36 41.81 19.31
CA GLY B 256 -3.87 42.82 18.38
C GLY B 256 -4.09 42.38 16.95
N HIS B 257 -3.94 41.20 16.59
N HIS B 257 -3.86 41.10 16.65
CA HIS B 257 -4.13 40.73 15.22
CA HIS B 257 -3.96 40.61 15.27
C HIS B 257 -4.74 39.32 15.08
C HIS B 257 -4.68 39.26 15.19
N PRO B 258 -5.23 38.92 14.01
CA PRO B 258 -5.78 37.57 13.88
C PRO B 258 -4.67 36.52 13.81
N GLU B 259 -4.79 35.46 14.59
CA GLU B 259 -3.79 34.42 14.72
C GLU B 259 -4.36 33.08 14.22
N LYS B 260 -3.72 32.50 13.21
CA LYS B 260 -4.18 31.26 12.59
C LYS B 260 -3.62 30.05 13.34
N LEU B 261 -4.55 29.18 13.76
CA LEU B 261 -4.27 28.01 14.59
C LEU B 261 -4.75 26.75 13.88
N ILE B 262 -4.01 25.65 14.05
CA ILE B 262 -4.34 24.35 13.45
C ILE B 262 -4.41 23.27 14.56
N ARG B 263 -5.38 22.36 14.45
CA ARG B 263 -5.53 21.27 15.43
C ARG B 263 -5.12 19.94 14.82
N LEU B 264 -4.23 19.27 15.56
CA LEU B 264 -3.67 17.97 15.18
C LEU B 264 -4.03 16.91 16.22
N ARG B 265 -4.03 15.64 15.80
CA ARG B 265 -4.23 14.51 16.70
C ARG B 265 -3.26 13.34 16.41
N ASN B 266 -2.44 13.06 17.40
CA ASN B 266 -1.58 11.90 17.43
C ASN B 266 -2.47 10.69 17.57
N PRO B 267 -2.39 9.73 16.61
CA PRO B 267 -3.20 8.51 16.67
C PRO B 267 -2.82 7.55 17.80
N TRP B 268 -1.74 7.82 18.54
CA TRP B 268 -1.48 7.08 19.80
C TRP B 268 -2.55 7.34 20.85
N GLY B 269 -3.24 8.48 20.71
CA GLY B 269 -4.17 8.99 21.72
C GLY B 269 -3.44 9.56 22.91
N GLU B 270 -2.23 10.07 22.68
CA GLU B 270 -1.32 10.56 23.74
C GLU B 270 -0.03 11.05 23.10
N GLU B 272 1.72 14.61 22.88
CA GLU B 272 1.28 15.99 22.51
C GLU B 272 2.35 17.10 22.50
N TRP B 273 2.37 17.90 21.43
CA TRP B 273 3.08 19.19 21.40
C TRP B 273 3.02 19.92 22.75
N SER B 274 4.19 20.40 23.18
CA SER B 274 4.36 21.09 24.47
C SER B 274 4.60 22.59 24.32
N GLY B 275 4.60 23.07 23.07
CA GLY B 275 4.94 24.46 22.75
C GLY B 275 3.77 25.42 22.82
N ALA B 276 3.94 26.57 22.16
CA ALA B 276 2.92 27.60 22.09
C ALA B 276 1.58 27.04 21.62
N TRP B 277 0.51 27.42 22.31
CA TRP B 277 -0.89 26.95 22.07
C TRP B 277 -1.14 25.47 22.47
N SER B 278 -0.17 24.79 23.08
CA SER B 278 -0.39 23.45 23.66
C SER B 278 -1.49 23.51 24.72
N ASP B 279 -1.92 22.37 25.20
CA ASP B 279 -3.03 22.34 26.17
C ASP B 279 -2.93 23.33 27.34
N ASP B 280 -1.75 23.43 27.96
CA ASP B 280 -1.56 24.22 29.17
C ASP B 280 -0.63 25.41 28.89
N ALA B 281 -0.50 25.76 27.61
CA ALA B 281 0.22 26.95 27.17
C ALA B 281 -0.39 28.31 27.64
N PRO B 282 0.46 29.30 27.95
CA PRO B 282 -0.05 30.58 28.46
C PRO B 282 -0.73 31.50 27.41
N GLU B 283 -0.49 31.27 26.12
CA GLU B 283 -1.13 32.04 25.05
C GLU B 283 -2.67 32.09 25.19
N TRP B 284 -3.27 31.00 25.66
CA TRP B 284 -4.73 30.85 25.79
C TRP B 284 -5.38 31.87 26.74
N ASN B 285 -4.59 32.26 27.75
CA ASN B 285 -4.97 33.25 28.74
C ASN B 285 -4.89 34.67 28.17
N HIS B 286 -4.57 34.78 26.88
CA HIS B 286 -4.41 36.08 26.21
C HIS B 286 -5.29 36.21 24.95
N ILE B 287 -6.34 35.39 24.88
CA ILE B 287 -7.39 35.52 23.85
C ILE B 287 -8.75 35.59 24.58
N ASP B 288 -9.83 35.87 23.84
CA ASP B 288 -11.17 35.95 24.45
C ASP B 288 -11.49 34.70 25.30
N PRO B 289 -11.95 34.90 26.55
CA PRO B 289 -12.25 33.76 27.46
C PRO B 289 -13.22 32.69 26.93
N ARG B 290 -14.13 33.08 26.03
CA ARG B 290 -15.10 32.14 25.48
C ARG B 290 -14.43 31.21 24.45
N ARG B 291 -13.57 31.81 23.62
CA ARG B 291 -12.80 31.08 22.61
C ARG B 291 -11.81 30.12 23.28
N LYS B 292 -11.28 30.51 24.44
CA LYS B 292 -10.43 29.64 25.25
C LYS B 292 -11.20 28.45 25.80
N GLU B 293 -12.37 28.70 26.38
CA GLU B 293 -13.20 27.60 26.88
C GLU B 293 -13.60 26.68 25.71
N GLU B 294 -13.91 27.29 24.56
CA GLU B 294 -14.29 26.54 23.35
C GLU B 294 -13.15 25.62 22.86
N LEU B 295 -11.95 26.16 22.79
CA LEU B 295 -10.88 25.57 22.00
C LEU B 295 -9.81 24.86 22.84
N ASP B 296 -9.51 25.39 24.02
CA ASP B 296 -8.46 24.86 24.88
C ASP B 296 -8.99 23.78 25.82
N LYS B 297 -9.01 22.53 25.34
CA LYS B 297 -9.44 21.39 26.14
C LYS B 297 -8.18 20.80 26.77
N LYS B 298 -8.22 20.60 28.09
CA LYS B 298 -7.07 20.17 28.89
C LYS B 298 -7.17 18.67 29.21
N VAL B 299 -6.91 17.86 28.17
CA VAL B 299 -7.00 16.40 28.23
C VAL B 299 -5.78 15.83 27.53
N GLU B 300 -5.07 14.92 28.20
CA GLU B 300 -4.01 14.15 27.55
C GLU B 300 -4.71 13.06 26.70
N ASP B 301 -5.04 13.45 25.46
CA ASP B 301 -5.84 12.61 24.53
C ASP B 301 -5.23 12.48 23.12
N GLY B 302 -4.03 13.04 22.94
CA GLY B 302 -3.30 13.07 21.68
C GLY B 302 -3.51 14.29 20.79
N GLU B 303 -4.50 15.10 21.15
CA GLU B 303 -4.97 16.15 20.28
C GLU B 303 -4.66 17.51 20.87
N PHE B 304 -4.12 18.40 20.06
CA PHE B 304 -3.63 19.68 20.54
C PHE B 304 -3.69 20.71 19.44
N TRP B 305 -3.63 21.98 19.84
CA TRP B 305 -3.46 23.10 18.93
C TRP B 305 -1.98 23.48 18.76
N MET B 306 -1.72 24.12 17.62
CA MET B 306 -0.47 24.77 17.30
C MET B 306 -0.87 26.05 16.54
N SER B 307 0.02 27.04 16.52
CA SER B 307 -0.04 28.09 15.52
C SER B 307 0.32 27.51 14.15
N LEU B 308 -0.33 28.00 13.10
CA LEU B 308 0.00 27.56 11.75
C LEU B 308 1.49 27.81 11.43
N SER B 309 2.06 28.88 12.02
CA SER B 309 3.47 29.18 11.81
C SER B 309 4.40 28.10 12.41
N ASP B 310 4.15 27.63 13.63
CA ASP B 310 4.94 26.53 14.18
C ASP B 310 4.72 25.19 13.45
N PHE B 311 3.49 24.96 12.98
CA PHE B 311 3.13 23.77 12.21
C PHE B 311 3.98 23.65 10.94
N VAL B 312 4.06 24.73 10.17
CA VAL B 312 4.89 24.71 8.96
C VAL B 312 6.39 24.62 9.28
N ARG B 313 6.81 25.13 10.43
CA ARG B 313 8.21 25.02 10.85
C ARG B 313 8.59 23.60 11.35
N GLN B 314 7.65 22.91 11.98
CA GLN B 314 7.91 21.64 12.68
C GLN B 314 7.67 20.42 11.80
N PHE B 315 6.60 20.48 11.01
CA PHE B 315 6.20 19.41 10.11
C PHE B 315 6.73 19.63 8.69
N SER B 316 6.76 18.54 7.90
CA SER B 316 7.37 18.49 6.59
C SER B 316 6.31 18.58 5.50
N ARG B 317 5.22 17.85 5.69
CA ARG B 317 4.27 17.63 4.62
C ARG B 317 2.84 17.49 5.13
N LEU B 318 1.92 18.02 4.34
CA LEU B 318 0.49 17.91 4.57
C LEU B 318 -0.12 17.12 3.42
N GLU B 319 -0.88 16.09 3.77
CA GLU B 319 -1.69 15.37 2.80
C GLU B 319 -3.17 15.77 2.89
N ILE B 320 -3.77 16.02 1.73
CA ILE B 320 -5.21 16.22 1.61
C ILE B 320 -5.85 15.21 0.64
N CYS B 321 -6.70 14.36 1.18
CA CYS B 321 -7.42 13.39 0.41
C CYS B 321 -8.87 13.92 0.26
N ASN B 322 -9.14 14.53 -0.88
CA ASN B 322 -10.45 15.10 -1.17
C ASN B 322 -11.40 14.03 -1.68
N LEU B 323 -12.55 13.90 -1.03
CA LEU B 323 -13.51 12.85 -1.33
C LEU B 323 -14.57 13.34 -2.33
C ACE C 1 -5.89 -13.52 -0.30
O ACE C 1 -5.10 -14.10 0.46
CH3 ACE C 1 -7.38 -13.69 -0.21
N LEU C 2 -5.52 -12.99 -1.46
CA LEU C 2 -4.46 -12.00 -1.63
C LEU C 2 -3.61 -11.92 -2.88
N LEU C 3 -3.36 -10.70 -3.37
CA LEU C 3 -2.74 -10.53 -4.69
C LEU C 3 -1.25 -10.85 -4.73
N AR7 C 4 -0.92 -12.03 -5.26
CA AR7 C 4 0.46 -12.49 -5.25
C AR7 C 4 1.04 -12.79 -6.62
O AR7 C 4 0.71 -13.79 -7.26
CB AR7 C 4 0.61 -13.69 -4.32
CG AR7 C 4 0.16 -13.39 -2.92
CD AR7 C 4 0.89 -14.25 -1.92
NE AR7 C 4 0.57 -15.68 -2.00
CZ AR7 C 4 -0.61 -16.21 -1.70
NH1 AR7 C 4 -0.80 -17.53 -1.80
NH2 AR7 C 4 -1.62 -15.45 -1.26
C ACE D 1 11.87 4.34 7.62
O ACE D 1 12.88 5.04 7.43
CH3 ACE D 1 12.15 2.97 8.20
N LEU D 2 10.65 4.89 7.90
CA LEU D 2 9.32 4.48 7.42
C LEU D 2 8.18 5.07 8.31
N LEU D 3 6.99 5.23 7.74
CA LEU D 3 5.88 5.97 8.34
C LEU D 3 5.11 5.09 9.34
N AR7 D 4 5.21 5.37 10.63
CA AR7 D 4 4.53 4.53 11.62
C AR7 D 4 3.79 5.35 12.68
CB AR7 D 4 5.51 3.59 12.30
CG AR7 D 4 6.25 2.69 11.33
CD AR7 D 4 7.10 1.70 12.07
NE AR7 D 4 8.52 2.00 11.87
CZ AR7 D 4 9.32 1.39 10.99
NH1 AR7 D 4 10.58 1.77 10.92
NH2 AR7 D 4 8.88 0.41 10.19
CA CA E . 4.62 -17.53 -25.00
CA CA F . 17.40 -7.19 -21.08
CA CA G . 2.40 -23.69 -20.34
CA CA H . -4.99 17.40 24.44
CA CA I . -16.98 5.98 21.31
#